data_2E9W
#
_entry.id   2E9W
#
_cell.length_a   269.477
_cell.length_b   52.072
_cell.length_c   189.791
_cell.angle_alpha   90.00
_cell.angle_beta   108.00
_cell.angle_gamma   90.00
#
_symmetry.space_group_name_H-M   'C 1 2 1'
#
loop_
_entity.id
_entity.type
_entity.pdbx_description
1 polymer 'Mast/stem cell growth factor receptor'
2 polymer 'Kit ligand'
3 non-polymer 2-acetamido-2-deoxy-beta-D-glucopyranose
#
loop_
_entity_poly.entity_id
_entity_poly.type
_entity_poly.pdbx_seq_one_letter_code
_entity_poly.pdbx_strand_id
1 'polypeptide(L)'
;QPSVSPGEPSPPSIHPGKSDLIVRVGDEIRLLCTDPGFVKWTFEILDETNENKQNEWITEKAEATNTGKYTCTNKHGLSN
SIYVFVRDPAKLFLVDRSLYGKEDSDTLVRCPLTDPEVTSYSLKGCQGKPLPKDLRFIPDPKAGIMIKSVKRAYHRLCLH
CSVDQEGKSVLSEKFILKVRPAFKAVPVVSVSKASYLLREGEEFTVTCTIKDVSSSVYSTWKRENSQTKLQEKYNSWHHG
DFNYERQATLTISSARVNDSGVFMCYANNTFGSANVTTTLEVVDKGFINIFPMINTTVFVNDGENVDLIVEYEAFPKPEH
QQWIYMNRTFTDKWEDYPKSENESNIRYVSELHLTRLKGTEGGTYTFLVSNSDVNAAIAFNVYVNTKPEILTYDRLVNGM
LQCVAAGFPEPTIDWYFCPGTEQRCSASVLPVDVQTLNSSGPPFGKLVVQSSIDSSAFKHNGTVECKAYNDVGKTSAYFN
FAFKGNNKE
;
A,B
2 'polypeptide(L)'
;EGICRNRVTNNVKDVTKLVANLPKDYMITLKYVPGMDVLPSHCWISEMVVQLSDSLTDLLDKFSNISEGLSNYSIIDKLV
NIVDDLVECVKENSSKDLKKSFKSPEPRLFTPEEFFRIFNRSIDAFKDFVVASETSDCVVS
;
C,D
#
loop_
_chem_comp.id
_chem_comp.type
_chem_comp.name
_chem_comp.formula
NAG D-saccharide, beta linking 2-acetamido-2-deoxy-beta-D-glucopyranose 'C8 H15 N O6'
#
# COMPACT_ATOMS: atom_id res chain seq x y z
N GLU A 8 53.83 -47.32 44.69
CA GLU A 8 53.39 -46.05 44.04
C GLU A 8 52.37 -46.34 42.94
N PRO A 9 51.40 -45.41 42.72
CA PRO A 9 50.36 -45.55 41.71
C PRO A 9 50.87 -45.20 40.31
N SER A 10 50.61 -46.08 39.34
CA SER A 10 51.04 -45.87 37.98
C SER A 10 49.90 -46.12 37.00
N PRO A 11 49.85 -45.36 35.90
CA PRO A 11 48.81 -45.50 34.89
C PRO A 11 48.94 -46.85 34.21
N PRO A 12 47.92 -47.26 33.47
CA PRO A 12 47.92 -48.55 32.76
C PRO A 12 48.91 -48.66 31.61
N SER A 13 49.15 -49.89 31.14
CA SER A 13 50.06 -50.10 30.03
C SER A 13 49.28 -50.83 28.96
N ILE A 14 49.34 -50.31 27.74
CA ILE A 14 48.63 -50.90 26.63
C ILE A 14 49.59 -51.45 25.57
N HIS A 15 49.15 -52.51 24.90
CA HIS A 15 49.93 -53.15 23.85
C HIS A 15 48.97 -53.24 22.68
N PRO A 16 49.41 -52.86 21.47
CA PRO A 16 50.72 -52.33 21.06
C PRO A 16 51.16 -51.10 21.80
N GLY A 17 52.41 -51.07 22.18
CA GLY A 17 52.91 -49.93 22.92
C GLY A 17 53.22 -48.75 22.03
N LYS A 18 52.44 -48.58 20.97
CA LYS A 18 52.67 -47.45 20.07
C LYS A 18 51.76 -46.33 20.55
N SER A 19 52.00 -45.11 20.07
CA SER A 19 51.15 -43.99 20.46
C SER A 19 50.05 -43.71 19.43
N ASP A 20 50.23 -44.24 18.21
CA ASP A 20 49.28 -44.12 17.10
C ASP A 20 49.37 -45.44 16.35
N LEU A 21 48.23 -46.02 15.98
CA LEU A 21 48.27 -47.27 15.23
C LEU A 21 47.43 -47.10 14.00
N ILE A 22 47.86 -47.71 12.89
CA ILE A 22 47.12 -47.61 11.63
C ILE A 22 46.66 -48.95 11.05
N VAL A 23 45.37 -49.03 10.77
CA VAL A 23 44.82 -50.29 10.28
C VAL A 23 44.18 -50.19 8.91
N ARG A 24 44.38 -51.20 8.08
CA ARG A 24 43.77 -51.19 6.77
C ARG A 24 42.34 -51.62 7.01
N VAL A 25 41.40 -50.84 6.50
CA VAL A 25 40.00 -51.18 6.68
C VAL A 25 39.88 -52.66 6.43
N GLY A 26 38.97 -53.30 7.16
CA GLY A 26 38.80 -54.73 6.99
C GLY A 26 39.69 -55.56 7.90
N ASP A 27 40.60 -54.93 8.63
CA ASP A 27 41.48 -55.67 9.52
C ASP A 27 40.98 -55.71 10.97
N GLU A 28 41.76 -56.35 11.85
CA GLU A 28 41.45 -56.49 13.27
C GLU A 28 42.10 -55.37 14.05
N ILE A 29 41.55 -55.08 15.23
CA ILE A 29 42.14 -54.08 16.12
C ILE A 29 42.17 -54.74 17.48
N ARG A 30 43.36 -55.12 17.95
CA ARG A 30 43.44 -55.75 19.24
C ARG A 30 44.21 -54.84 20.15
N LEU A 31 43.52 -54.25 21.10
CA LEU A 31 44.17 -53.40 22.04
C LEU A 31 44.09 -54.15 23.35
N LEU A 32 45.17 -54.18 24.09
CA LEU A 32 45.18 -54.88 25.36
C LEU A 32 45.84 -54.13 26.50
N CYS A 33 44.99 -53.78 27.47
CA CYS A 33 45.37 -53.06 28.67
C CYS A 33 45.76 -54.00 29.79
N THR A 34 46.96 -53.77 30.31
CA THR A 34 47.50 -54.59 31.34
C THR A 34 47.74 -53.72 32.55
N ASP A 35 46.87 -53.86 33.54
CA ASP A 35 47.00 -53.10 34.77
C ASP A 35 46.18 -53.75 35.87
N PRO A 36 46.80 -53.97 37.04
CA PRO A 36 46.16 -54.58 38.20
C PRO A 36 44.80 -53.98 38.49
N GLY A 37 44.66 -52.68 38.29
CA GLY A 37 43.38 -52.05 38.56
C GLY A 37 42.59 -51.67 37.33
N PHE A 38 42.61 -52.52 36.32
CA PHE A 38 41.89 -52.20 35.10
C PHE A 38 40.47 -51.88 35.45
N VAL A 39 39.89 -50.94 34.71
CA VAL A 39 38.52 -50.56 34.98
C VAL A 39 37.66 -50.49 33.75
N LYS A 40 38.22 -50.06 32.62
CA LYS A 40 37.43 -49.98 31.40
C LYS A 40 38.14 -49.38 30.20
N TRP A 41 37.64 -49.72 29.01
CA TRP A 41 38.14 -49.20 27.75
C TRP A 41 37.15 -48.13 27.33
N THR A 42 37.65 -47.06 26.74
CA THR A 42 36.75 -45.98 26.36
C THR A 42 37.13 -45.45 25.02
N PHE A 43 36.39 -45.88 24.00
CA PHE A 43 36.61 -45.43 22.63
C PHE A 43 35.78 -44.19 22.40
N GLU A 44 36.25 -43.29 21.55
CA GLU A 44 35.51 -42.06 21.30
C GLU A 44 36.06 -41.31 20.09
N ILE A 45 35.17 -40.95 19.16
CA ILE A 45 35.56 -40.24 17.95
C ILE A 45 35.08 -38.83 17.75
N LEU A 46 33.84 -38.68 17.33
CA LEU A 46 33.42 -37.32 17.12
C LEU A 46 32.55 -36.99 18.29
N ASP A 47 31.48 -37.76 18.39
CA ASP A 47 30.53 -37.61 19.47
C ASP A 47 30.36 -39.02 20.01
N GLU A 48 30.40 -40.01 19.12
CA GLU A 48 30.27 -41.41 19.52
C GLU A 48 31.18 -41.59 20.71
N THR A 49 30.89 -42.59 21.54
CA THR A 49 31.68 -42.84 22.74
C THR A 49 31.26 -44.19 23.35
N ASN A 50 32.21 -45.11 23.47
CA ASN A 50 31.93 -46.43 24.01
C ASN A 50 32.75 -46.78 25.22
N GLU A 51 32.31 -47.80 25.93
CA GLU A 51 33.06 -48.25 27.08
C GLU A 51 33.19 -49.74 26.91
N ASN A 52 34.12 -50.33 27.65
CA ASN A 52 34.31 -51.76 27.58
C ASN A 52 35.07 -52.17 28.81
N LYS A 53 34.55 -53.18 29.50
CA LYS A 53 35.18 -53.74 30.68
C LYS A 53 35.86 -55.02 30.20
N GLN A 54 37.05 -54.87 29.64
CA GLN A 54 37.80 -56.01 29.13
C GLN A 54 39.22 -55.60 28.83
N ASN A 55 40.18 -56.19 29.52
CA ASN A 55 41.56 -55.83 29.26
C ASN A 55 41.86 -55.93 27.76
N GLU A 56 41.24 -56.88 27.07
CA GLU A 56 41.48 -57.04 25.64
C GLU A 56 40.33 -56.49 24.82
N TRP A 57 40.62 -55.49 24.02
CA TRP A 57 39.64 -54.87 23.16
C TRP A 57 39.88 -55.41 21.77
N ILE A 58 38.84 -55.95 21.13
CA ILE A 58 39.02 -56.45 19.78
C ILE A 58 37.82 -56.22 18.91
N THR A 59 38.09 -55.73 17.71
CA THR A 59 37.09 -55.46 16.69
C THR A 59 37.66 -56.28 15.55
N GLU A 60 36.90 -57.27 15.10
CA GLU A 60 37.39 -58.17 14.06
C GLU A 60 37.63 -57.57 12.66
N LYS A 61 36.60 -56.97 12.06
CA LYS A 61 36.76 -56.36 10.73
C LYS A 61 36.60 -54.86 10.90
N ALA A 62 37.68 -54.09 10.79
CA ALA A 62 37.66 -52.64 10.97
C ALA A 62 36.83 -51.86 9.96
N GLU A 63 36.63 -50.57 10.25
CA GLU A 63 35.87 -49.65 9.40
C GLU A 63 36.32 -48.23 9.70
N ALA A 64 36.49 -47.41 8.69
CA ALA A 64 36.93 -46.02 8.90
C ALA A 64 36.19 -45.35 10.03
N THR A 65 35.09 -45.97 10.47
CA THR A 65 34.31 -45.43 11.55
C THR A 65 34.81 -45.95 12.89
N ASN A 66 36.03 -46.47 12.90
CA ASN A 66 36.67 -46.97 14.11
C ASN A 66 37.85 -46.09 14.38
N THR A 67 38.12 -45.19 13.46
CA THR A 67 39.22 -44.29 13.64
C THR A 67 38.88 -43.45 14.87
N GLY A 68 39.66 -43.59 15.91
CA GLY A 68 39.37 -42.82 17.10
C GLY A 68 40.44 -42.90 18.17
N LYS A 69 40.03 -42.66 19.41
CA LYS A 69 40.96 -42.71 20.51
C LYS A 69 40.45 -43.70 21.54
N TYR A 70 41.18 -44.78 21.70
CA TYR A 70 40.85 -45.80 22.64
C TYR A 70 41.66 -45.47 23.88
N THR A 71 40.97 -45.35 25.01
CA THR A 71 41.60 -44.99 26.29
C THR A 71 41.37 -45.98 27.43
N CYS A 72 42.45 -46.32 28.14
CA CYS A 72 42.41 -47.25 29.25
C CYS A 72 42.59 -46.48 30.55
N THR A 73 41.71 -46.67 31.54
CA THR A 73 41.84 -45.99 32.84
C THR A 73 41.92 -46.92 34.03
N ASN A 74 42.88 -46.63 34.91
CA ASN A 74 43.18 -47.37 36.12
C ASN A 74 42.07 -47.23 37.14
N LYS A 75 42.19 -47.97 38.23
CA LYS A 75 41.18 -47.89 39.28
C LYS A 75 41.41 -46.66 40.15
N HIS A 76 42.58 -46.03 40.03
CA HIS A 76 42.87 -44.84 40.82
C HIS A 76 42.58 -43.63 39.99
N GLY A 77 42.11 -43.86 38.78
CA GLY A 77 41.80 -42.75 37.90
C GLY A 77 42.94 -42.40 36.95
N LEU A 78 43.90 -43.32 36.81
CA LEU A 78 45.03 -43.09 35.92
C LEU A 78 44.66 -43.61 34.54
N SER A 79 45.39 -43.21 33.50
CA SER A 79 45.06 -43.68 32.15
C SER A 79 46.13 -43.47 31.11
N ASN A 80 45.99 -44.19 30.00
CA ASN A 80 46.90 -44.12 28.88
C ASN A 80 46.00 -44.27 27.67
N SER A 81 46.55 -44.30 26.45
CA SER A 81 45.69 -44.40 25.27
C SER A 81 46.37 -44.27 23.91
N ILE A 82 46.08 -45.17 22.96
CA ILE A 82 46.67 -45.05 21.62
C ILE A 82 45.58 -44.66 20.64
N TYR A 83 45.95 -43.86 19.64
CA TYR A 83 45.02 -43.43 18.62
C TYR A 83 45.12 -44.40 17.47
N VAL A 84 43.98 -44.91 17.02
CA VAL A 84 43.99 -45.80 15.88
C VAL A 84 43.42 -45.12 14.62
N PHE A 85 44.10 -45.31 13.50
CA PHE A 85 43.69 -44.75 12.22
C PHE A 85 43.35 -45.94 11.35
N VAL A 86 42.14 -45.99 10.82
CA VAL A 86 41.84 -47.13 9.99
C VAL A 86 41.64 -46.70 8.54
N ARG A 87 42.73 -46.71 7.77
CA ARG A 87 42.74 -46.30 6.37
C ARG A 87 41.92 -47.15 5.39
N ASP A 88 40.98 -46.43 4.79
CA ASP A 88 40.03 -46.92 3.81
C ASP A 88 40.17 -45.83 2.75
N PRO A 89 40.44 -46.21 1.50
CA PRO A 89 40.61 -45.27 0.39
C PRO A 89 39.33 -44.51 0.13
N ALA A 90 38.19 -45.17 0.30
CA ALA A 90 36.90 -44.52 0.09
C ALA A 90 36.75 -43.36 1.07
N LYS A 91 36.71 -43.66 2.37
CA LYS A 91 36.58 -42.62 3.39
C LYS A 91 37.96 -42.17 3.86
N LEU A 92 38.26 -40.89 3.64
CA LEU A 92 39.54 -40.35 4.04
C LEU A 92 39.17 -39.20 4.96
N PHE A 93 37.90 -39.16 5.31
CA PHE A 93 37.40 -38.14 6.22
C PHE A 93 36.24 -38.70 7.04
N LEU A 94 36.06 -38.17 8.23
CA LEU A 94 34.90 -38.55 9.02
C LEU A 94 34.39 -37.19 9.40
N VAL A 95 33.09 -36.97 9.29
CA VAL A 95 32.61 -35.63 9.64
C VAL A 95 31.32 -35.51 10.39
N ASP A 96 31.18 -34.35 10.98
CA ASP A 96 30.00 -34.01 11.71
C ASP A 96 29.67 -32.71 11.00
N ARG A 97 28.96 -32.81 9.90
CA ARG A 97 28.57 -31.63 9.14
C ARG A 97 27.87 -30.57 9.98
N SER A 98 27.77 -30.77 11.29
CA SER A 98 27.16 -29.77 12.15
C SER A 98 28.26 -28.79 12.41
N LEU A 99 27.98 -27.49 12.41
CA LEU A 99 29.10 -26.59 12.65
C LEU A 99 28.63 -25.22 13.05
N TYR A 100 28.83 -24.90 14.32
CA TYR A 100 28.43 -23.61 14.88
C TYR A 100 29.64 -22.95 15.53
N GLY A 101 29.61 -21.62 15.66
CA GLY A 101 30.72 -20.93 16.28
C GLY A 101 30.31 -19.53 16.72
N LYS A 102 30.97 -19.06 17.77
CA LYS A 102 30.69 -17.73 18.32
C LYS A 102 31.50 -16.65 17.60
N GLU A 103 31.10 -15.42 17.81
CA GLU A 103 31.84 -14.35 17.18
C GLU A 103 33.15 -14.30 17.96
N ASP A 104 34.24 -14.00 17.27
CA ASP A 104 35.55 -13.87 17.91
C ASP A 104 36.16 -15.14 18.45
N SER A 105 35.36 -16.16 18.70
CA SER A 105 35.91 -17.39 19.24
C SER A 105 36.33 -18.31 18.12
N ASP A 106 37.27 -19.21 18.40
CA ASP A 106 37.72 -20.16 17.39
C ASP A 106 36.60 -21.18 17.12
N THR A 107 36.78 -22.05 16.14
CA THR A 107 35.74 -23.03 15.84
C THR A 107 36.25 -24.22 15.06
N LEU A 108 35.80 -25.41 15.42
CA LEU A 108 36.33 -26.59 14.74
C LEU A 108 35.48 -27.20 13.64
N VAL A 109 36.08 -27.38 12.48
CA VAL A 109 35.42 -27.98 11.36
C VAL A 109 35.66 -29.45 11.61
N ARG A 110 34.60 -30.14 12.03
CA ARG A 110 34.64 -31.57 12.39
C ARG A 110 34.95 -32.59 11.30
N CYS A 111 36.19 -32.59 10.81
CA CYS A 111 36.55 -33.51 9.76
C CYS A 111 37.87 -34.19 9.91
N PRO A 112 38.02 -35.02 10.96
CA PRO A 112 39.25 -35.77 11.27
C PRO A 112 39.54 -36.79 10.18
N LEU A 113 40.83 -37.01 9.98
CA LEU A 113 41.30 -37.91 8.94
C LEU A 113 41.31 -39.38 9.28
N THR A 114 41.18 -40.19 8.25
CA THR A 114 41.16 -41.64 8.39
C THR A 114 42.54 -42.22 8.18
N ASP A 115 43.31 -41.55 7.33
CA ASP A 115 44.69 -41.91 7.02
C ASP A 115 45.49 -40.66 7.34
N PRO A 116 46.35 -40.73 8.37
CA PRO A 116 47.17 -39.61 8.81
C PRO A 116 48.24 -39.19 7.84
N GLU A 117 48.60 -40.10 6.94
CA GLU A 117 49.63 -39.84 5.96
C GLU A 117 49.07 -39.29 4.68
N VAL A 118 48.82 -37.99 4.66
CA VAL A 118 48.29 -37.31 3.49
C VAL A 118 48.96 -35.97 3.37
N THR A 119 49.18 -35.57 2.12
CA THR A 119 49.88 -34.35 1.82
C THR A 119 49.33 -33.03 2.30
N SER A 120 48.13 -32.65 1.90
CA SER A 120 47.66 -31.34 2.37
C SER A 120 46.29 -31.29 3.02
N TYR A 121 46.33 -31.25 4.34
CA TYR A 121 45.12 -31.15 5.12
C TYR A 121 44.85 -29.66 5.08
N SER A 122 43.74 -29.28 4.49
CA SER A 122 43.43 -27.86 4.37
C SER A 122 41.95 -27.61 4.16
N LEU A 123 41.57 -26.40 4.55
CA LEU A 123 40.20 -25.91 4.46
C LEU A 123 39.97 -25.28 3.09
N LYS A 124 39.00 -25.76 2.34
CA LYS A 124 38.79 -25.19 1.02
C LYS A 124 37.52 -24.43 0.73
N GLY A 125 37.59 -23.67 -0.36
CA GLY A 125 36.48 -22.89 -0.84
C GLY A 125 35.46 -23.87 -1.36
N CYS A 126 34.23 -23.65 -0.97
CA CYS A 126 33.15 -24.54 -1.35
C CYS A 126 32.68 -24.21 -2.75
N GLN A 127 32.62 -25.24 -3.59
CA GLN A 127 32.18 -25.11 -4.97
C GLN A 127 32.96 -24.09 -5.82
N GLY A 128 34.21 -24.40 -6.11
CA GLY A 128 35.01 -23.51 -6.93
C GLY A 128 35.57 -22.21 -6.36
N LYS A 129 34.75 -21.39 -5.71
CA LYS A 129 35.21 -20.09 -5.18
C LYS A 129 36.43 -20.13 -4.25
N PRO A 130 36.81 -19.00 -3.66
CA PRO A 130 37.98 -19.13 -2.77
C PRO A 130 37.61 -18.73 -1.33
N LEU A 131 38.25 -19.32 -0.32
CA LEU A 131 37.95 -18.94 1.08
C LEU A 131 38.31 -17.47 1.27
N PRO A 132 37.60 -16.78 2.17
CA PRO A 132 37.90 -15.37 2.41
C PRO A 132 39.33 -15.13 2.78
N LYS A 133 39.87 -14.02 2.32
CA LYS A 133 41.24 -13.68 2.61
C LYS A 133 41.45 -13.63 4.13
N ASP A 134 40.55 -12.96 4.84
CA ASP A 134 40.64 -12.79 6.28
C ASP A 134 40.77 -14.07 7.14
N LEU A 135 39.99 -15.11 6.79
CA LEU A 135 39.97 -16.37 7.54
C LEU A 135 41.26 -17.19 7.55
N ARG A 136 41.83 -17.39 8.75
CA ARG A 136 43.04 -18.20 8.93
C ARG A 136 42.69 -19.46 9.77
N PHE A 137 43.36 -20.58 9.52
CA PHE A 137 43.05 -21.83 10.25
C PHE A 137 44.27 -22.72 10.56
N ILE A 138 44.08 -23.70 11.45
CA ILE A 138 45.17 -24.62 11.83
C ILE A 138 44.72 -26.08 11.99
N PRO A 139 44.92 -26.90 10.95
CA PRO A 139 44.54 -28.33 10.94
C PRO A 139 45.09 -29.25 12.02
N ASP A 140 44.47 -30.44 12.14
CA ASP A 140 44.85 -31.50 13.09
C ASP A 140 44.10 -32.79 12.83
N PRO A 141 44.73 -33.74 12.14
CA PRO A 141 44.14 -35.04 11.81
C PRO A 141 43.34 -35.75 12.88
N LYS A 142 43.56 -35.36 14.13
CA LYS A 142 42.85 -36.00 15.22
C LYS A 142 41.64 -35.24 15.69
N ALA A 143 41.32 -34.14 15.01
CA ALA A 143 40.15 -33.32 15.33
C ALA A 143 39.53 -32.92 14.00
N GLY A 144 39.96 -31.77 13.50
CA GLY A 144 39.50 -31.24 12.22
C GLY A 144 40.37 -30.05 11.92
N ILE A 145 39.91 -29.14 11.10
CA ILE A 145 40.70 -27.96 10.81
C ILE A 145 40.09 -26.97 11.79
N MET A 146 40.90 -26.12 12.40
CA MET A 146 40.30 -25.20 13.35
C MET A 146 40.16 -23.74 12.95
N ILE A 147 39.13 -23.41 12.19
CA ILE A 147 38.91 -22.01 11.80
C ILE A 147 39.13 -21.10 13.01
N LYS A 148 39.97 -20.07 12.87
CA LYS A 148 40.23 -19.21 14.02
C LYS A 148 39.51 -17.84 14.02
N SER A 149 38.93 -17.51 15.17
CA SER A 149 38.26 -16.24 15.39
C SER A 149 37.05 -15.87 14.56
N VAL A 150 36.31 -16.90 14.15
CA VAL A 150 35.08 -16.78 13.35
C VAL A 150 34.42 -15.42 13.46
N LYS A 151 34.40 -14.71 12.32
CA LYS A 151 33.80 -13.37 12.25
C LYS A 151 32.39 -13.44 11.66
N ARG A 152 31.53 -12.49 12.07
CA ARG A 152 30.15 -12.48 11.58
C ARG A 152 30.13 -12.74 10.08
N ALA A 153 30.98 -12.04 9.36
CA ALA A 153 31.04 -12.21 7.92
C ALA A 153 31.34 -13.62 7.41
N TYR A 154 31.49 -14.62 8.28
CA TYR A 154 31.76 -15.98 7.80
C TYR A 154 30.47 -16.75 7.88
N HIS A 155 29.45 -16.07 8.38
CA HIS A 155 28.16 -16.69 8.55
C HIS A 155 27.63 -17.33 7.27
N ARG A 156 27.06 -18.51 7.40
CA ARG A 156 26.53 -19.23 6.27
C ARG A 156 27.59 -19.60 5.25
N LEU A 157 28.88 -19.43 5.60
CA LEU A 157 29.95 -19.78 4.68
C LEU A 157 30.06 -21.30 4.55
N CYS A 158 30.18 -21.85 3.34
CA CYS A 158 30.37 -23.30 3.27
C CYS A 158 31.78 -23.66 2.89
N LEU A 159 32.43 -24.50 3.68
CA LEU A 159 33.81 -24.91 3.42
C LEU A 159 33.86 -26.36 3.03
N HIS A 160 35.08 -26.80 2.79
CA HIS A 160 35.33 -28.19 2.43
C HIS A 160 36.61 -28.58 3.12
N CYS A 161 36.69 -29.82 3.50
CA CYS A 161 37.88 -30.24 4.17
C CYS A 161 38.64 -30.84 2.99
N SER A 162 39.90 -30.44 2.80
CA SER A 162 40.68 -30.98 1.69
C SER A 162 41.94 -31.72 2.04
N VAL A 163 42.30 -32.64 1.15
CA VAL A 163 43.46 -33.44 1.39
C VAL A 163 43.90 -34.02 0.06
N ASP A 164 45.21 -33.94 -0.23
CA ASP A 164 45.81 -34.45 -1.47
C ASP A 164 46.44 -35.82 -1.29
N GLN A 165 45.90 -36.82 -1.97
CA GLN A 165 46.43 -38.18 -1.90
C GLN A 165 46.90 -38.66 -3.27
N GLU A 166 48.20 -38.88 -3.41
CA GLU A 166 48.79 -39.33 -4.66
C GLU A 166 48.72 -38.22 -5.71
N GLY A 167 49.16 -37.02 -5.33
CA GLY A 167 49.15 -35.90 -6.25
C GLY A 167 47.78 -35.27 -6.47
N LYS A 168 46.74 -36.09 -6.33
CA LYS A 168 45.34 -35.64 -6.47
C LYS A 168 44.75 -35.23 -5.12
N SER A 169 44.02 -34.11 -5.08
CA SER A 169 43.42 -33.66 -3.85
C SER A 169 41.93 -34.02 -3.81
N VAL A 170 41.49 -34.54 -2.66
CA VAL A 170 40.09 -34.95 -2.46
C VAL A 170 39.36 -34.07 -1.47
N LEU A 171 38.04 -34.05 -1.62
CA LEU A 171 37.22 -33.24 -0.75
C LEU A 171 36.35 -34.04 0.20
N SER A 172 35.87 -33.36 1.23
CA SER A 172 35.03 -33.97 2.23
C SER A 172 33.65 -33.51 1.88
N GLU A 173 32.64 -33.98 2.60
CA GLU A 173 31.28 -33.48 2.33
C GLU A 173 31.34 -31.99 2.63
N LYS A 174 30.26 -31.26 2.42
CA LYS A 174 30.36 -29.82 2.71
C LYS A 174 29.99 -29.42 4.13
N PHE A 175 30.70 -28.44 4.65
CA PHE A 175 30.43 -27.91 5.99
C PHE A 175 29.93 -26.49 5.73
N ILE A 176 28.95 -26.00 6.47
CA ILE A 176 28.50 -24.64 6.24
C ILE A 176 28.25 -23.84 7.54
N LEU A 177 29.37 -23.47 8.17
CA LEU A 177 29.41 -22.73 9.43
C LEU A 177 28.32 -21.64 9.60
N LYS A 178 27.71 -21.63 10.78
CA LYS A 178 26.67 -20.68 11.14
C LYS A 178 27.27 -19.85 12.27
N VAL A 179 27.38 -18.54 12.13
CA VAL A 179 27.98 -17.76 13.20
C VAL A 179 27.08 -17.03 14.20
N ARG A 180 27.22 -17.41 15.46
CA ARG A 180 26.45 -16.81 16.56
C ARG A 180 27.07 -15.46 16.93
N PRO A 181 26.29 -14.39 16.87
CA PRO A 181 26.82 -13.06 17.21
C PRO A 181 27.26 -12.97 18.63
N ALA A 182 28.08 -11.97 18.88
CA ALA A 182 28.59 -11.68 20.21
C ALA A 182 28.16 -10.23 20.39
N PHE A 183 27.35 -9.98 21.40
CA PHE A 183 26.86 -8.62 21.59
C PHE A 183 27.98 -7.59 21.67
N LYS A 184 27.98 -6.67 20.73
CA LYS A 184 29.01 -5.65 20.77
C LYS A 184 28.43 -4.25 20.92
N ALA A 185 27.21 -4.17 21.47
CA ALA A 185 26.53 -2.90 21.72
C ALA A 185 25.12 -3.09 22.28
N VAL A 186 24.67 -2.12 23.05
CA VAL A 186 23.38 -2.23 23.72
C VAL A 186 22.17 -2.23 22.81
N PRO A 187 21.16 -3.01 23.19
CA PRO A 187 19.87 -3.19 22.50
C PRO A 187 19.18 -1.86 22.29
N VAL A 188 18.78 -1.54 21.05
CA VAL A 188 18.06 -0.30 20.73
C VAL A 188 16.60 -0.47 21.10
N VAL A 189 16.07 0.46 21.87
CA VAL A 189 14.70 0.25 22.29
C VAL A 189 13.90 1.51 22.20
N SER A 190 12.65 1.37 21.80
CA SER A 190 11.75 2.49 21.62
C SER A 190 10.34 2.15 22.08
N VAL A 191 9.47 3.15 22.05
CA VAL A 191 8.09 2.96 22.49
C VAL A 191 7.05 3.63 21.61
N SER A 192 5.94 2.91 21.39
CA SER A 192 4.85 3.38 20.56
C SER A 192 4.46 4.79 20.88
N LYS A 193 3.99 5.04 22.09
CA LYS A 193 3.63 6.40 22.45
C LYS A 193 4.48 6.92 23.61
N ALA A 194 4.64 8.23 23.69
CA ALA A 194 5.42 8.83 24.76
C ALA A 194 4.69 8.93 26.12
N SER A 195 3.51 9.56 26.11
CA SER A 195 2.74 9.77 27.33
C SER A 195 1.24 9.65 27.12
N TYR A 196 0.59 8.68 27.74
CA TYR A 196 -0.85 8.54 27.57
C TYR A 196 -1.70 9.34 28.58
N LEU A 197 -3.00 9.41 28.30
CA LEU A 197 -3.96 10.10 29.15
C LEU A 197 -5.34 9.59 28.79
N LEU A 198 -5.98 8.86 29.70
CA LEU A 198 -7.31 8.34 29.42
C LEU A 198 -8.28 8.49 30.58
N ARG A 199 -9.55 8.64 30.23
CA ARG A 199 -10.59 8.76 31.23
C ARG A 199 -10.73 7.37 31.81
N GLU A 200 -10.86 7.30 33.14
CA GLU A 200 -11.01 6.05 33.84
C GLU A 200 -11.96 5.08 33.13
N GLY A 201 -11.56 3.81 33.06
CA GLY A 201 -12.39 2.83 32.39
C GLY A 201 -11.90 2.47 30.99
N GLU A 202 -11.40 3.47 30.26
CA GLU A 202 -10.88 3.25 28.91
C GLU A 202 -9.78 2.21 29.03
N GLU A 203 -9.31 1.66 27.92
CA GLU A 203 -8.25 0.65 27.97
C GLU A 203 -6.90 1.32 27.73
N PHE A 204 -5.85 0.81 28.38
CA PHE A 204 -4.50 1.34 28.20
C PHE A 204 -3.67 0.31 27.51
N THR A 205 -3.04 0.68 26.40
CA THR A 205 -2.20 -0.28 25.70
C THR A 205 -1.03 0.38 25.03
N VAL A 206 0.15 -0.21 25.19
CA VAL A 206 1.34 0.37 24.61
C VAL A 206 2.23 -0.74 24.17
N THR A 207 3.03 -0.46 23.14
CA THR A 207 3.93 -1.48 22.64
C THR A 207 5.33 -0.96 22.46
N CYS A 208 6.27 -1.73 22.98
CA CYS A 208 7.69 -1.43 22.94
C CYS A 208 8.36 -2.21 21.81
N THR A 209 9.42 -1.64 21.26
CA THR A 209 10.15 -2.26 20.17
C THR A 209 11.64 -2.42 20.41
N ILE A 210 12.01 -3.64 20.77
CA ILE A 210 13.37 -4.00 21.05
C ILE A 210 13.99 -4.52 19.78
N LYS A 211 15.11 -3.93 19.34
CA LYS A 211 15.78 -4.42 18.13
C LYS A 211 17.19 -4.87 18.54
N ASP A 212 17.68 -5.95 17.96
CA ASP A 212 19.01 -6.40 18.34
C ASP A 212 19.49 -7.55 17.47
N VAL A 213 20.81 -7.72 17.42
CA VAL A 213 21.49 -8.74 16.65
C VAL A 213 21.00 -10.12 17.00
N SER A 214 20.19 -10.23 18.03
CA SER A 214 19.70 -11.55 18.34
C SER A 214 18.50 -11.64 19.23
N SER A 215 17.59 -12.50 18.80
CA SER A 215 16.36 -12.81 19.51
C SER A 215 16.62 -12.91 20.99
N SER A 216 17.81 -13.44 21.29
CA SER A 216 18.27 -13.66 22.64
C SER A 216 18.25 -12.49 23.62
N VAL A 217 17.99 -11.26 23.16
CA VAL A 217 17.92 -10.17 24.13
C VAL A 217 16.98 -10.52 25.29
N TYR A 218 16.85 -9.58 26.23
CA TYR A 218 15.98 -9.73 27.37
C TYR A 218 15.25 -8.41 27.39
N SER A 219 13.92 -8.49 27.38
CA SER A 219 13.10 -7.28 27.37
C SER A 219 12.10 -7.38 28.49
N THR A 220 11.64 -6.24 28.96
CA THR A 220 10.65 -6.26 30.02
C THR A 220 9.93 -4.96 30.34
N TRP A 221 8.65 -5.13 30.64
CA TRP A 221 7.78 -4.02 30.99
C TRP A 221 7.56 -4.06 32.49
N LYS A 222 8.23 -3.15 33.19
CA LYS A 222 8.11 -3.09 34.64
C LYS A 222 7.35 -1.80 34.90
N ARG A 223 6.80 -1.66 36.10
CA ARG A 223 6.08 -0.45 36.41
C ARG A 223 7.07 0.39 37.17
N GLU A 224 7.22 1.66 36.78
CA GLU A 224 8.18 2.54 37.46
C GLU A 224 8.31 2.21 38.94
N ASN A 225 9.55 2.03 39.40
CA ASN A 225 9.82 1.70 40.80
C ASN A 225 8.91 0.60 41.30
N SER A 226 9.23 -0.62 40.87
CA SER A 226 8.52 -1.84 41.25
C SER A 226 9.10 -3.01 40.47
N GLN A 227 9.24 -4.15 41.14
CA GLN A 227 9.81 -5.32 40.49
C GLN A 227 8.77 -6.40 40.21
N THR A 228 7.50 -6.08 40.42
CA THR A 228 6.44 -7.05 40.15
C THR A 228 6.50 -7.37 38.65
N LYS A 229 5.68 -8.31 38.20
CA LYS A 229 5.68 -8.69 36.78
C LYS A 229 4.41 -8.22 36.07
N LEU A 230 4.58 -7.67 34.87
CA LEU A 230 3.42 -7.22 34.11
C LEU A 230 3.07 -8.13 32.92
N GLN A 231 1.80 -8.47 32.85
CA GLN A 231 1.27 -9.32 31.81
C GLN A 231 1.58 -8.72 30.43
N GLU A 232 2.59 -9.22 29.73
CA GLU A 232 2.86 -8.68 28.40
C GLU A 232 2.75 -9.69 27.27
N LYS A 233 2.28 -9.23 26.12
CA LYS A 233 2.07 -10.07 24.94
C LYS A 233 3.02 -9.61 23.86
N TYR A 234 3.70 -10.54 23.21
CA TYR A 234 4.66 -10.09 22.20
C TYR A 234 4.82 -10.83 20.90
N ASN A 235 5.28 -10.09 19.91
CA ASN A 235 5.52 -10.62 18.58
C ASN A 235 6.97 -10.30 18.21
N SER A 236 7.60 -11.19 17.45
CA SER A 236 8.99 -11.01 17.08
C SER A 236 9.21 -11.39 15.64
N TRP A 237 10.24 -10.79 15.03
CA TRP A 237 10.63 -11.09 13.64
C TRP A 237 12.13 -11.18 13.42
N HIS A 238 12.51 -11.55 12.20
CA HIS A 238 13.92 -11.63 11.80
C HIS A 238 14.00 -10.97 10.47
N HIS A 239 14.70 -9.86 10.35
CA HIS A 239 14.76 -9.24 9.04
C HIS A 239 16.09 -9.52 8.38
N GLY A 240 16.46 -10.79 8.33
CA GLY A 240 17.73 -11.17 7.72
C GLY A 240 18.82 -11.55 8.72
N ASP A 241 20.07 -11.51 8.28
CA ASP A 241 21.19 -11.86 9.15
C ASP A 241 21.53 -10.85 10.23
N PHE A 242 21.85 -11.37 11.41
CA PHE A 242 22.21 -10.59 12.59
C PHE A 242 21.31 -9.40 12.81
N ASN A 243 20.00 -9.62 12.64
CA ASN A 243 18.99 -8.59 12.82
C ASN A 243 17.76 -9.28 13.38
N TYR A 244 17.12 -8.64 14.35
CA TYR A 244 15.95 -9.21 15.00
C TYR A 244 15.19 -8.10 15.63
N GLU A 245 13.89 -8.28 15.77
CA GLU A 245 13.06 -7.24 16.36
C GLU A 245 11.99 -7.93 17.16
N ARG A 246 11.67 -7.35 18.31
CA ARG A 246 10.64 -7.91 19.13
C ARG A 246 9.73 -6.75 19.53
N GLN A 247 8.45 -7.07 19.74
CA GLN A 247 7.48 -6.07 20.13
C GLN A 247 6.64 -6.62 21.26
N ALA A 248 7.04 -6.29 22.47
CA ALA A 248 6.28 -6.72 23.62
C ALA A 248 5.34 -5.56 23.77
N THR A 249 4.05 -5.86 23.71
CA THR A 249 3.03 -4.84 23.87
C THR A 249 2.26 -5.04 25.19
N LEU A 250 2.26 -4.01 26.00
CA LEU A 250 1.61 -4.06 27.32
C LEU A 250 0.23 -3.45 27.26
N THR A 251 -0.73 -4.10 27.92
CA THR A 251 -2.09 -3.59 27.87
C THR A 251 -2.87 -3.73 29.18
N ILE A 252 -3.68 -2.71 29.48
CA ILE A 252 -4.51 -2.63 30.69
C ILE A 252 -5.95 -2.41 30.23
N SER A 253 -6.76 -3.47 30.26
CA SER A 253 -8.17 -3.36 29.86
C SER A 253 -8.90 -2.60 30.96
N SER A 254 -9.54 -1.49 30.60
CA SER A 254 -10.24 -0.67 31.60
C SER A 254 -9.30 -0.29 32.76
N ALA A 255 -8.59 0.82 32.56
CA ALA A 255 -7.65 1.31 33.55
C ALA A 255 -8.35 2.08 34.62
N ARG A 256 -7.89 1.85 35.84
CA ARG A 256 -8.42 2.50 37.01
C ARG A 256 -7.47 3.66 37.32
N VAL A 257 -7.99 4.68 38.00
CA VAL A 257 -7.17 5.85 38.28
C VAL A 257 -5.85 5.55 38.90
N ASN A 258 -5.88 4.68 39.91
CA ASN A 258 -4.67 4.33 40.63
C ASN A 258 -3.67 3.58 39.78
N ASP A 259 -4.03 3.34 38.52
CA ASP A 259 -3.19 2.65 37.58
C ASP A 259 -2.24 3.61 36.92
N SER A 260 -2.41 4.89 37.21
CA SER A 260 -1.55 5.92 36.61
C SER A 260 -0.10 5.71 36.92
N GLY A 261 0.73 6.62 36.48
CA GLY A 261 2.14 6.46 36.76
C GLY A 261 2.98 6.12 35.54
N VAL A 262 4.26 5.85 35.79
CA VAL A 262 5.18 5.56 34.72
C VAL A 262 5.48 4.08 34.48
N PHE A 263 5.77 3.74 33.23
CA PHE A 263 6.09 2.37 32.92
C PHE A 263 7.40 2.39 32.19
N MET A 264 8.15 1.31 32.27
CA MET A 264 9.43 1.32 31.59
C MET A 264 9.73 0.05 30.85
N CYS A 265 10.25 0.20 29.63
CA CYS A 265 10.60 -0.96 28.86
C CYS A 265 12.11 -1.11 29.07
N TYR A 266 12.57 -2.33 29.31
CA TYR A 266 13.97 -2.54 29.56
C TYR A 266 14.53 -3.71 28.74
N ALA A 267 15.61 -3.43 28.02
CA ALA A 267 16.25 -4.42 27.17
C ALA A 267 17.62 -4.63 27.78
N ASN A 268 18.13 -5.85 27.71
CA ASN A 268 19.36 -6.12 28.42
C ASN A 268 20.13 -7.31 27.85
N ASN A 269 21.23 -7.02 27.17
CA ASN A 269 22.08 -8.07 26.62
C ASN A 269 23.44 -8.13 27.34
N THR A 270 24.29 -9.04 26.90
CA THR A 270 25.62 -9.22 27.49
C THR A 270 26.55 -8.08 27.12
N PHE A 271 26.17 -6.87 27.45
CA PHE A 271 26.99 -5.71 27.10
C PHE A 271 26.33 -4.45 27.62
N GLY A 272 25.00 -4.40 27.70
CA GLY A 272 24.36 -3.19 28.18
C GLY A 272 22.86 -3.20 28.46
N SER A 273 22.31 -2.02 28.75
CA SER A 273 20.89 -1.87 29.07
C SER A 273 20.29 -0.72 28.28
N ALA A 274 18.96 -0.72 28.21
CA ALA A 274 18.24 0.33 27.52
C ALA A 274 16.88 0.54 28.13
N ASN A 275 16.58 1.79 28.47
CA ASN A 275 15.31 2.09 29.08
C ASN A 275 14.55 2.97 28.12
N VAL A 276 13.25 3.00 28.33
CA VAL A 276 12.31 3.81 27.58
C VAL A 276 11.06 3.77 28.43
N THR A 277 10.62 4.95 28.80
CA THR A 277 9.47 5.03 29.64
C THR A 277 8.34 5.69 28.93
N THR A 278 7.17 5.53 29.53
CA THR A 278 5.95 6.07 29.00
C THR A 278 5.09 6.28 30.23
N THR A 279 4.79 7.53 30.50
CA THR A 279 3.96 7.87 31.64
C THR A 279 2.46 7.88 31.33
N LEU A 280 1.65 7.30 32.21
CA LEU A 280 0.20 7.23 32.01
C LEU A 280 -0.52 8.10 33.01
N GLU A 281 -1.62 8.70 32.58
CA GLU A 281 -2.38 9.56 33.47
C GLU A 281 -3.86 9.24 33.38
N VAL A 282 -4.37 8.41 34.27
CA VAL A 282 -5.80 8.12 34.25
C VAL A 282 -6.56 9.19 35.04
N VAL A 283 -7.78 9.52 34.62
CA VAL A 283 -8.56 10.50 35.35
C VAL A 283 -9.90 9.86 35.61
N ASP A 284 -10.57 10.32 36.66
CA ASP A 284 -11.85 9.78 37.04
C ASP A 284 -12.96 10.37 36.17
N LYS A 285 -12.75 11.61 35.74
CA LYS A 285 -13.71 12.31 34.89
C LYS A 285 -12.92 13.30 34.07
N GLY A 286 -13.48 13.68 32.93
CA GLY A 286 -12.80 14.61 32.05
C GLY A 286 -12.81 16.03 32.58
N PHE A 287 -12.00 16.88 32.00
CA PHE A 287 -11.92 18.25 32.45
C PHE A 287 -11.74 19.29 31.33
N ILE A 288 -12.06 20.53 31.66
CA ILE A 288 -11.91 21.64 30.74
C ILE A 288 -11.51 22.82 31.61
N ASN A 289 -10.29 23.28 31.46
CA ASN A 289 -9.83 24.40 32.25
C ASN A 289 -9.53 25.50 31.28
N ILE A 290 -9.85 26.73 31.67
CA ILE A 290 -9.64 27.88 30.80
C ILE A 290 -8.68 28.93 31.33
N PHE A 291 -7.94 29.54 30.42
CA PHE A 291 -7.01 30.60 30.76
C PHE A 291 -7.20 31.66 29.64
N PRO A 292 -7.66 32.87 30.01
CA PRO A 292 -7.88 33.95 29.05
C PRO A 292 -6.58 34.66 28.68
N MET A 293 -6.69 35.80 28.01
CA MET A 293 -5.51 36.57 27.63
C MET A 293 -5.18 37.56 28.75
N ILE A 294 -6.01 38.59 28.87
CA ILE A 294 -5.85 39.60 29.90
C ILE A 294 -7.21 39.76 30.57
N ASN A 295 -7.38 40.82 31.36
CA ASN A 295 -8.63 41.08 32.05
C ASN A 295 -9.79 40.97 31.05
N THR A 296 -10.84 40.27 31.45
CA THR A 296 -12.01 40.10 30.60
C THR A 296 -12.84 41.36 30.57
N THR A 297 -12.15 42.49 30.55
CA THR A 297 -12.80 43.79 30.51
C THR A 297 -12.11 44.55 29.40
N VAL A 298 -12.67 44.49 28.20
CA VAL A 298 -12.05 45.16 27.07
C VAL A 298 -12.55 46.56 26.82
N PHE A 299 -11.67 47.43 26.32
CA PHE A 299 -12.04 48.81 26.00
C PHE A 299 -11.81 49.09 24.51
N VAL A 300 -12.78 49.70 23.85
CA VAL A 300 -12.65 49.98 22.42
C VAL A 300 -13.08 51.41 22.05
N ASN A 301 -13.20 51.69 20.76
CA ASN A 301 -13.62 53.01 20.32
C ASN A 301 -14.44 52.87 19.04
N ASP A 302 -15.52 53.62 18.96
CA ASP A 302 -16.41 53.52 17.81
C ASP A 302 -15.59 53.35 16.55
N GLY A 303 -15.86 52.28 15.82
CA GLY A 303 -15.15 52.00 14.59
C GLY A 303 -13.87 51.20 14.75
N GLU A 304 -13.50 50.94 16.00
CA GLU A 304 -12.28 50.18 16.27
C GLU A 304 -12.54 48.68 16.19
N ASN A 305 -11.46 47.91 16.00
CA ASN A 305 -11.54 46.45 15.93
C ASN A 305 -10.98 45.85 17.22
N VAL A 306 -11.23 44.57 17.44
CA VAL A 306 -10.72 43.90 18.62
C VAL A 306 -10.99 42.42 18.56
N ASP A 307 -10.01 41.62 18.96
CA ASP A 307 -10.20 40.18 18.98
C ASP A 307 -10.07 39.73 20.40
N LEU A 308 -10.89 38.76 20.76
CA LEU A 308 -10.86 38.17 22.08
C LEU A 308 -10.29 36.80 21.83
N ILE A 309 -9.39 36.34 22.69
CA ILE A 309 -8.80 35.03 22.50
C ILE A 309 -8.66 34.31 23.82
N VAL A 310 -9.14 33.08 23.89
CA VAL A 310 -9.03 32.29 25.11
C VAL A 310 -8.32 31.01 24.74
N GLU A 311 -7.75 30.36 25.75
CA GLU A 311 -7.06 29.09 25.56
C GLU A 311 -7.56 28.18 26.65
N TYR A 312 -7.41 26.88 26.47
CA TYR A 312 -7.90 25.96 27.48
C TYR A 312 -7.46 24.52 27.25
N GLU A 313 -7.54 23.73 28.30
CA GLU A 313 -7.20 22.33 28.20
C GLU A 313 -8.55 21.68 28.13
N ALA A 314 -8.62 20.47 27.58
CA ALA A 314 -9.92 19.83 27.50
C ALA A 314 -9.71 18.39 27.22
N PHE A 315 -10.39 17.54 27.99
CA PHE A 315 -10.28 16.10 27.80
C PHE A 315 -11.57 15.43 28.25
N PRO A 316 -12.16 14.61 27.38
CA PRO A 316 -11.63 14.37 26.04
C PRO A 316 -11.74 15.62 25.17
N LYS A 317 -11.36 15.51 23.90
CA LYS A 317 -11.41 16.63 22.94
C LYS A 317 -12.68 17.45 23.12
N PRO A 318 -12.59 18.77 22.92
CA PRO A 318 -13.71 19.70 23.05
C PRO A 318 -14.75 19.47 21.97
N GLU A 319 -15.98 19.92 22.20
CA GLU A 319 -17.04 19.72 21.23
C GLU A 319 -17.74 20.99 20.74
N HIS A 320 -18.92 21.29 21.28
CA HIS A 320 -19.70 22.46 20.87
C HIS A 320 -19.17 23.77 21.43
N GLN A 321 -18.40 24.44 20.59
CA GLN A 321 -17.76 25.70 20.94
C GLN A 321 -18.51 26.83 20.25
N GLN A 322 -18.61 28.00 20.89
CA GLN A 322 -19.28 29.13 20.25
C GLN A 322 -19.28 30.42 21.06
N TRP A 323 -19.33 31.55 20.37
CA TRP A 323 -19.36 32.86 21.03
C TRP A 323 -20.74 33.49 20.98
N ILE A 324 -21.21 33.92 22.14
CA ILE A 324 -22.53 34.52 22.22
C ILE A 324 -22.56 35.88 22.88
N TYR A 325 -23.12 36.82 22.13
CA TYR A 325 -23.26 38.19 22.58
C TYR A 325 -24.59 38.32 23.28
N MET A 326 -24.57 38.78 24.52
CA MET A 326 -25.80 38.93 25.29
C MET A 326 -26.65 37.71 25.06
N ASN A 327 -26.29 36.61 25.69
CA ASN A 327 -27.02 35.37 25.59
C ASN A 327 -27.60 34.99 24.22
N ARG A 328 -27.16 35.63 23.14
CA ARG A 328 -27.67 35.31 21.80
C ARG A 328 -26.56 35.23 20.76
N THR A 329 -26.55 34.14 19.99
CA THR A 329 -25.54 33.95 18.96
C THR A 329 -25.58 35.08 17.94
N PHE A 330 -24.48 35.30 17.24
CA PHE A 330 -24.43 36.37 16.26
C PHE A 330 -23.60 36.07 15.02
N THR A 331 -22.28 36.12 15.14
CA THR A 331 -21.40 35.87 13.99
C THR A 331 -20.91 34.45 13.86
N ASP A 332 -20.02 34.28 12.88
CA ASP A 332 -19.39 33.00 12.59
C ASP A 332 -17.93 33.37 12.30
N LYS A 333 -17.59 34.62 12.62
CA LYS A 333 -16.24 35.14 12.42
C LYS A 333 -15.38 34.90 13.67
N TRP A 334 -15.08 33.62 13.92
CA TRP A 334 -14.22 33.23 15.03
C TRP A 334 -13.48 31.96 14.68
N GLU A 335 -12.18 31.95 14.99
CA GLU A 335 -11.33 30.82 14.70
C GLU A 335 -11.16 29.96 15.92
N ASP A 336 -11.02 28.66 15.66
CA ASP A 336 -10.82 27.66 16.69
C ASP A 336 -9.74 26.72 16.18
N TYR A 337 -8.78 26.39 17.03
CA TYR A 337 -7.72 25.52 16.57
C TYR A 337 -6.81 25.00 17.69
N PRO A 338 -6.32 23.76 17.53
CA PRO A 338 -5.43 23.17 18.52
C PRO A 338 -4.15 23.99 18.55
N LYS A 339 -3.49 24.04 19.70
CA LYS A 339 -2.27 24.83 19.80
C LYS A 339 -1.01 24.13 19.35
N SER A 340 -0.96 22.81 19.47
CA SER A 340 0.25 22.09 19.14
C SER A 340 0.29 21.10 17.98
N GLU A 341 -0.86 20.65 17.49
CA GLU A 341 -0.85 19.68 16.39
C GLU A 341 -0.14 18.39 16.80
N ASN A 342 0.49 18.39 17.96
CA ASN A 342 1.16 17.20 18.45
C ASN A 342 0.10 16.11 18.49
N GLU A 343 0.52 14.88 18.73
CA GLU A 343 -0.44 13.78 18.80
C GLU A 343 -0.62 13.46 20.27
N SER A 344 -0.48 14.51 21.07
CA SER A 344 -0.61 14.44 22.51
C SER A 344 -1.12 15.78 23.03
N ASN A 345 -1.65 16.61 22.13
CA ASN A 345 -2.15 17.92 22.50
C ASN A 345 -3.51 17.89 23.19
N ILE A 346 -3.60 18.58 24.32
CA ILE A 346 -4.82 18.64 25.10
C ILE A 346 -5.16 20.11 25.31
N ARG A 347 -4.36 20.97 24.69
CA ARG A 347 -4.51 22.41 24.79
C ARG A 347 -5.01 23.05 23.50
N TYR A 348 -6.08 23.83 23.59
CA TYR A 348 -6.66 24.52 22.43
C TYR A 348 -6.74 26.03 22.65
N VAL A 349 -7.16 26.72 21.59
CA VAL A 349 -7.32 28.16 21.64
C VAL A 349 -8.37 28.64 20.62
N SER A 350 -9.24 29.53 21.08
CA SER A 350 -10.31 30.05 20.25
C SER A 350 -10.28 31.58 20.25
N GLU A 351 -10.20 32.16 19.05
CA GLU A 351 -10.18 33.62 18.90
C GLU A 351 -11.54 34.12 18.43
N LEU A 352 -11.88 35.36 18.75
CA LEU A 352 -13.14 35.96 18.31
C LEU A 352 -12.82 37.32 17.70
N HIS A 353 -13.11 37.49 16.42
CA HIS A 353 -12.80 38.75 15.75
C HIS A 353 -13.94 39.75 15.66
N LEU A 354 -13.86 40.81 16.47
CA LEU A 354 -14.87 41.85 16.43
C LEU A 354 -14.28 42.96 15.55
N THR A 355 -14.81 43.12 14.34
CA THR A 355 -14.29 44.12 13.43
C THR A 355 -15.08 45.41 13.29
N ARG A 356 -14.53 46.50 13.83
CA ARG A 356 -15.19 47.80 13.75
C ARG A 356 -16.52 47.87 14.51
N LEU A 357 -16.48 47.74 15.84
CA LEU A 357 -17.69 47.82 16.65
C LEU A 357 -18.41 49.15 16.39
N LYS A 358 -19.73 49.15 16.63
CA LYS A 358 -20.58 50.34 16.40
C LYS A 358 -21.01 51.16 17.62
N GLY A 359 -20.40 50.91 18.78
CA GLY A 359 -20.75 51.67 19.97
C GLY A 359 -21.90 51.04 20.74
N THR A 360 -23.03 50.85 20.05
CA THR A 360 -24.19 50.23 20.67
C THR A 360 -23.93 48.74 20.53
N GLU A 361 -22.73 48.44 20.07
CA GLU A 361 -22.25 47.09 19.84
C GLU A 361 -21.51 46.59 21.08
N GLY A 362 -21.41 47.43 22.11
CA GLY A 362 -20.71 47.04 23.33
C GLY A 362 -21.36 45.81 23.95
N GLY A 363 -21.24 45.63 25.26
CA GLY A 363 -21.90 44.49 25.88
C GLY A 363 -21.06 43.39 26.50
N THR A 364 -21.62 42.19 26.58
CA THR A 364 -20.91 41.08 27.20
C THR A 364 -20.87 39.80 26.33
N TYR A 365 -19.73 39.63 25.66
CA TYR A 365 -19.46 38.50 24.79
C TYR A 365 -18.94 37.32 25.58
N THR A 366 -19.55 36.15 25.39
CA THR A 366 -19.13 34.97 26.12
C THR A 366 -18.65 33.88 25.20
N PHE A 367 -17.73 33.06 25.71
CA PHE A 367 -17.21 31.92 24.96
C PHE A 367 -17.55 30.65 25.74
N LEU A 368 -18.08 29.65 25.02
CA LEU A 368 -18.46 28.37 25.62
C LEU A 368 -17.93 27.22 24.80
N VAL A 369 -17.58 26.15 25.49
CA VAL A 369 -17.04 24.95 24.88
C VAL A 369 -17.39 23.87 25.85
N SER A 370 -17.51 22.63 25.40
CA SER A 370 -17.86 21.56 26.31
C SER A 370 -17.40 20.20 25.82
N ASN A 371 -17.45 19.22 26.72
CA ASN A 371 -17.04 17.88 26.37
C ASN A 371 -17.97 16.85 26.99
N SER A 372 -17.70 15.59 26.68
CA SER A 372 -18.51 14.47 27.13
C SER A 372 -18.86 14.53 28.59
N ASP A 373 -18.10 15.30 29.36
CA ASP A 373 -18.35 15.42 30.79
C ASP A 373 -18.75 16.84 31.17
N VAL A 374 -17.78 17.65 31.55
CA VAL A 374 -18.04 19.02 31.97
C VAL A 374 -18.32 20.04 30.86
N ASN A 375 -18.99 21.13 31.24
CA ASN A 375 -19.35 22.23 30.35
C ASN A 375 -18.78 23.51 30.96
N ALA A 376 -18.00 24.28 30.22
CA ALA A 376 -17.46 25.50 30.80
C ALA A 376 -17.62 26.70 29.89
N ALA A 377 -17.47 27.89 30.49
CA ALA A 377 -17.60 29.12 29.72
C ALA A 377 -16.88 30.22 30.46
N ILE A 378 -16.61 31.30 29.73
CA ILE A 378 -15.92 32.46 30.27
C ILE A 378 -16.50 33.62 29.48
N ALA A 379 -16.64 34.78 30.12
CA ALA A 379 -17.22 35.91 29.42
C ALA A 379 -16.39 37.17 29.43
N PHE A 380 -16.56 37.97 28.40
CA PHE A 380 -15.80 39.20 28.28
C PHE A 380 -16.73 40.39 28.30
N ASN A 381 -16.34 41.43 29.04
CA ASN A 381 -17.15 42.63 29.10
C ASN A 381 -16.43 43.70 28.28
N VAL A 382 -16.88 43.85 27.04
CA VAL A 382 -16.32 44.80 26.10
C VAL A 382 -17.02 46.14 26.17
N TYR A 383 -16.40 47.12 26.81
CA TYR A 383 -17.00 48.44 26.90
C TYR A 383 -16.47 49.34 25.79
N VAL A 384 -17.29 49.60 24.78
CA VAL A 384 -16.87 50.47 23.69
C VAL A 384 -17.01 51.94 24.13
N ASN A 385 -16.16 52.80 23.58
CA ASN A 385 -16.15 54.23 23.92
C ASN A 385 -16.70 55.10 22.80
N THR A 386 -17.31 56.22 23.16
CA THR A 386 -17.90 57.14 22.17
C THR A 386 -17.63 58.63 22.45
N LYS A 387 -17.78 59.45 21.41
CA LYS A 387 -17.57 60.88 21.54
C LYS A 387 -18.89 61.49 22.02
N PRO A 388 -18.85 62.26 23.10
CA PRO A 388 -20.05 62.88 23.65
C PRO A 388 -21.00 63.42 22.58
N GLU A 389 -22.26 63.57 22.96
CA GLU A 389 -23.28 64.07 22.06
C GLU A 389 -24.11 65.10 22.80
N ILE A 390 -24.36 66.24 22.15
CA ILE A 390 -25.16 67.32 22.74
C ILE A 390 -26.62 66.97 22.60
N LEU A 391 -27.04 65.99 23.38
CA LEU A 391 -28.42 65.51 23.36
C LEU A 391 -29.43 66.66 23.41
N THR A 392 -29.15 67.67 24.23
CA THR A 392 -30.11 68.75 24.33
C THR A 392 -29.57 69.99 25.02
N TYR A 393 -29.61 71.13 24.31
CA TYR A 393 -29.16 72.40 24.85
C TYR A 393 -30.32 73.40 24.82
N ASP A 394 -31.01 73.52 25.95
CA ASP A 394 -32.14 74.42 26.06
C ASP A 394 -31.79 75.69 26.84
N ARG A 395 -32.80 76.53 27.08
CA ARG A 395 -32.63 77.77 27.81
C ARG A 395 -33.52 77.75 29.05
N LEU A 396 -32.97 77.27 30.15
CA LEU A 396 -33.70 77.19 31.41
C LEU A 396 -34.40 78.51 31.76
N VAL A 397 -35.30 78.46 32.73
CA VAL A 397 -36.05 79.65 33.15
C VAL A 397 -35.18 80.76 33.74
N ASN A 398 -35.80 81.56 34.60
CA ASN A 398 -35.13 82.67 35.25
C ASN A 398 -33.76 82.29 35.79
N GLY A 399 -32.70 82.72 35.10
CA GLY A 399 -31.37 82.42 35.59
C GLY A 399 -30.28 81.84 34.71
N MET A 400 -30.56 80.85 33.88
CA MET A 400 -29.47 80.27 33.11
C MET A 400 -29.79 79.47 31.85
N LEU A 401 -28.77 78.74 31.40
CA LEU A 401 -28.87 77.87 30.22
C LEU A 401 -28.45 76.50 30.68
N GLN A 402 -29.05 75.48 30.07
CA GLN A 402 -28.75 74.10 30.38
C GLN A 402 -28.36 73.36 29.12
N CYS A 403 -27.31 72.56 29.25
CA CYS A 403 -26.80 71.80 28.15
C CYS A 403 -26.52 70.38 28.64
N VAL A 404 -27.06 69.39 27.94
CA VAL A 404 -26.88 68.00 28.29
C VAL A 404 -26.22 67.21 27.18
N ALA A 405 -25.17 66.46 27.54
CA ALA A 405 -24.42 65.66 26.58
C ALA A 405 -24.35 64.23 27.08
N ALA A 406 -24.12 63.30 26.16
CA ALA A 406 -24.05 61.89 26.50
C ALA A 406 -22.83 61.23 25.88
N GLY A 407 -22.08 60.51 26.71
CA GLY A 407 -20.89 59.81 26.23
C GLY A 407 -20.33 58.80 27.22
N PHE A 408 -19.30 58.06 26.78
CA PHE A 408 -18.68 57.06 27.63
C PHE A 408 -17.18 56.98 27.41
N PRO A 409 -16.39 57.10 28.50
CA PRO A 409 -16.91 57.29 29.86
C PRO A 409 -17.45 58.70 30.11
N GLU A 410 -17.57 59.04 31.39
CA GLU A 410 -18.09 60.35 31.84
C GLU A 410 -17.70 61.54 30.98
N PRO A 411 -18.69 62.27 30.46
CA PRO A 411 -18.31 63.43 29.64
C PRO A 411 -17.98 64.60 30.56
N THR A 412 -17.05 65.44 30.14
CA THR A 412 -16.67 66.60 30.93
C THR A 412 -17.39 67.78 30.31
N ILE A 413 -17.87 68.67 31.15
CA ILE A 413 -18.55 69.86 30.64
C ILE A 413 -17.88 71.12 31.17
N ASP A 414 -17.30 71.87 30.25
CA ASP A 414 -16.62 73.11 30.57
C ASP A 414 -17.36 74.17 29.77
N TRP A 415 -17.42 75.40 30.29
CA TRP A 415 -18.11 76.46 29.57
C TRP A 415 -17.18 77.59 29.14
N TYR A 416 -17.45 78.13 27.95
CA TYR A 416 -16.69 79.25 27.39
C TYR A 416 -17.64 80.44 27.51
N PHE A 417 -17.19 81.66 27.24
CA PHE A 417 -18.09 82.80 27.38
C PHE A 417 -17.96 83.90 26.34
N CYS A 418 -16.78 84.51 26.24
CA CYS A 418 -16.52 85.62 25.32
C CYS A 418 -17.24 85.55 23.96
N PRO A 419 -17.54 86.73 23.40
CA PRO A 419 -18.23 86.83 22.13
C PRO A 419 -17.46 86.15 21.01
N GLY A 420 -18.18 85.71 19.97
CA GLY A 420 -17.56 85.04 18.82
C GLY A 420 -18.04 85.66 17.51
N CYS A 425 -13.80 82.18 16.31
CA CYS A 425 -12.79 83.03 16.94
C CYS A 425 -13.38 83.72 18.16
N SER A 426 -13.13 83.16 19.33
CA SER A 426 -13.64 83.71 20.58
C SER A 426 -12.73 83.37 21.75
N ALA A 427 -12.95 84.05 22.88
CA ALA A 427 -12.17 83.83 24.08
C ALA A 427 -12.95 82.97 25.07
N SER A 428 -12.29 82.59 26.17
CA SER A 428 -12.94 81.75 27.17
C SER A 428 -12.98 82.34 28.58
N VAL A 429 -14.01 81.97 29.33
CA VAL A 429 -14.21 82.41 30.70
C VAL A 429 -14.89 81.24 31.42
N LEU A 430 -14.28 80.77 32.50
CA LEU A 430 -14.82 79.63 33.24
C LEU A 430 -15.96 79.97 34.19
N PRO A 431 -16.76 78.93 34.53
CA PRO A 431 -17.89 79.03 35.44
C PRO A 431 -18.75 77.76 35.35
N VAL A 432 -19.42 77.41 36.45
CA VAL A 432 -20.29 76.22 36.50
C VAL A 432 -20.91 76.12 37.88
N ASP A 433 -22.12 75.56 37.96
CA ASP A 433 -22.81 75.45 39.24
C ASP A 433 -23.48 74.09 39.51
N VAL A 434 -24.69 73.90 38.97
CA VAL A 434 -25.44 72.66 39.16
C VAL A 434 -25.23 71.66 38.03
N GLN A 435 -24.41 70.64 38.28
CA GLN A 435 -24.11 69.61 37.29
C GLN A 435 -24.23 68.22 37.91
N THR A 436 -25.32 67.54 37.61
CA THR A 436 -25.56 66.19 38.14
C THR A 436 -25.76 65.19 37.00
N LEU A 437 -24.84 64.24 36.87
CA LEU A 437 -24.91 63.24 35.82
C LEU A 437 -25.86 62.09 36.19
N ASN A 438 -27.11 62.20 35.75
CA ASN A 438 -28.12 61.17 36.02
C ASN A 438 -28.02 60.06 34.99
N SER A 439 -28.49 58.87 35.33
CA SER A 439 -28.45 57.72 34.43
C SER A 439 -28.79 56.42 35.14
N SER A 440 -28.07 56.10 36.20
CA SER A 440 -28.30 54.86 36.96
C SER A 440 -29.71 54.79 37.54
N PHE A 444 -25.05 48.51 31.64
CA PHE A 444 -25.48 49.14 30.39
C PHE A 444 -24.34 49.88 29.70
N GLY A 445 -24.53 51.18 29.47
CA GLY A 445 -23.51 51.99 28.81
C GLY A 445 -23.64 53.51 28.98
N LYS A 446 -23.60 54.23 27.87
CA LYS A 446 -23.66 55.71 27.80
C LYS A 446 -24.21 56.48 28.99
N LEU A 447 -23.33 57.25 29.62
CA LEU A 447 -23.68 58.06 30.76
C LEU A 447 -24.00 59.45 30.24
N VAL A 448 -25.05 60.07 30.77
CA VAL A 448 -25.41 61.41 30.34
C VAL A 448 -25.15 62.38 31.49
N VAL A 449 -24.78 63.62 31.16
CA VAL A 449 -24.51 64.61 32.18
C VAL A 449 -25.30 65.88 31.90
N GLN A 450 -25.72 66.54 32.96
CA GLN A 450 -26.49 67.77 32.83
C GLN A 450 -25.82 68.88 33.63
N SER A 451 -25.41 69.94 32.95
CA SER A 451 -24.77 71.07 33.62
C SER A 451 -25.22 72.40 33.04
N SER A 452 -25.43 73.37 33.91
CA SER A 452 -25.89 74.67 33.50
C SER A 452 -25.11 75.78 34.20
N ILE A 453 -25.26 76.99 33.72
CA ILE A 453 -24.56 78.12 34.31
C ILE A 453 -25.44 79.36 34.21
N ASP A 454 -25.52 80.11 35.31
CA ASP A 454 -26.31 81.33 35.41
C ASP A 454 -26.01 82.38 34.35
N SER A 455 -27.02 83.16 33.99
CA SER A 455 -26.87 84.20 32.98
C SER A 455 -27.03 85.61 33.55
N SER A 456 -25.91 86.13 34.05
CA SER A 456 -25.85 87.45 34.66
C SER A 456 -24.36 87.75 34.66
N ALA A 457 -23.86 88.19 33.50
CA ALA A 457 -22.44 88.45 33.35
C ALA A 457 -21.99 89.92 33.29
N PHE A 458 -22.94 90.85 33.27
CA PHE A 458 -22.60 92.26 33.22
C PHE A 458 -21.99 92.68 31.88
N LYS A 459 -22.14 91.83 30.87
CA LYS A 459 -21.63 92.11 29.53
C LYS A 459 -22.64 91.50 28.56
N HIS A 460 -22.66 91.98 27.32
CA HIS A 460 -23.61 91.46 26.34
C HIS A 460 -23.07 91.43 24.91
N ASN A 461 -23.97 91.18 23.96
CA ASN A 461 -23.64 91.12 22.54
C ASN A 461 -22.59 90.05 22.20
N GLY A 462 -22.89 88.80 22.56
CA GLY A 462 -21.95 87.71 22.29
C GLY A 462 -22.57 86.33 22.17
N THR A 463 -21.75 85.30 22.27
CA THR A 463 -22.21 83.92 22.18
C THR A 463 -21.48 83.01 23.16
N VAL A 464 -22.25 82.17 23.84
CA VAL A 464 -21.72 81.24 24.83
C VAL A 464 -21.67 79.85 24.21
N GLU A 465 -20.66 79.06 24.57
CA GLU A 465 -20.57 77.71 24.04
C GLU A 465 -20.51 76.62 25.10
N CYS A 466 -21.04 75.46 24.73
CA CYS A 466 -21.08 74.30 25.60
C CYS A 466 -20.08 73.28 25.07
N LYS A 467 -19.10 72.93 25.89
CA LYS A 467 -18.09 71.96 25.50
C LYS A 467 -18.17 70.68 26.33
N ALA A 468 -18.36 69.58 25.62
CA ALA A 468 -18.44 68.26 26.23
C ALA A 468 -17.21 67.46 25.78
N TYR A 469 -16.27 67.30 26.70
CA TYR A 469 -15.04 66.60 26.40
C TYR A 469 -15.09 65.12 26.75
N ASN A 470 -14.24 64.34 26.10
CA ASN A 470 -14.14 62.90 26.33
C ASN A 470 -12.87 62.39 25.69
N ASP A 471 -12.14 61.57 26.45
CA ASP A 471 -10.86 61.00 26.00
C ASP A 471 -10.86 60.62 24.52
N VAL A 472 -12.04 60.33 23.97
CA VAL A 472 -12.15 59.95 22.57
C VAL A 472 -12.24 61.16 21.65
N GLY A 473 -13.00 62.17 22.05
CA GLY A 473 -13.14 63.33 21.19
C GLY A 473 -13.91 64.47 21.82
N LYS A 474 -14.54 65.30 20.99
CA LYS A 474 -15.30 66.45 21.48
C LYS A 474 -16.37 66.94 20.52
N THR A 475 -17.36 67.61 21.11
CA THR A 475 -18.49 68.17 20.37
C THR A 475 -18.96 69.42 21.12
N SER A 476 -19.71 70.29 20.44
CA SER A 476 -20.19 71.50 21.09
C SER A 476 -21.36 72.19 20.38
N ALA A 477 -21.99 73.10 21.09
CA ALA A 477 -23.12 73.86 20.57
C ALA A 477 -22.94 75.31 20.99
N TYR A 478 -23.63 76.22 20.32
CA TYR A 478 -23.51 77.64 20.62
C TYR A 478 -24.82 78.33 21.03
N PHE A 479 -24.72 79.24 21.98
CA PHE A 479 -25.88 80.00 22.48
C PHE A 479 -25.67 81.50 22.22
N ASN A 480 -26.66 82.31 22.57
CA ASN A 480 -26.60 83.76 22.41
C ASN A 480 -26.97 84.45 23.72
N PHE A 481 -26.54 85.68 23.89
CA PHE A 481 -26.86 86.42 25.10
C PHE A 481 -27.17 87.87 24.76
N ALA A 482 -27.64 88.62 25.76
CA ALA A 482 -27.97 90.04 25.56
C ALA A 482 -28.01 90.81 26.87
N GLU B 8 -18.85 -50.78 -65.81
CA GLU B 8 -19.12 -49.72 -64.80
C GLU B 8 -18.04 -49.74 -63.70
N PRO B 9 -17.87 -48.61 -62.99
CA PRO B 9 -16.88 -48.52 -61.92
C PRO B 9 -17.37 -49.16 -60.60
N SER B 10 -16.52 -49.93 -59.95
CA SER B 10 -16.88 -50.57 -58.69
C SER B 10 -15.77 -50.52 -57.65
N PRO B 11 -16.14 -50.39 -56.36
CA PRO B 11 -15.22 -50.33 -55.22
C PRO B 11 -14.38 -51.57 -55.04
N PRO B 12 -13.14 -51.42 -54.52
CA PRO B 12 -12.25 -52.58 -54.32
C PRO B 12 -12.88 -53.63 -53.42
N SER B 13 -12.19 -54.74 -53.21
CA SER B 13 -12.71 -55.81 -52.38
C SER B 13 -11.63 -56.33 -51.46
N ILE B 14 -11.78 -55.98 -50.19
CA ILE B 14 -10.83 -56.34 -49.14
C ILE B 14 -11.25 -57.61 -48.41
N HIS B 15 -10.24 -58.41 -48.07
CA HIS B 15 -10.43 -59.68 -47.37
C HIS B 15 -9.37 -59.74 -46.28
N PRO B 16 -9.74 -60.17 -45.07
CA PRO B 16 -11.03 -60.62 -44.52
C PRO B 16 -12.23 -59.76 -44.85
N GLY B 17 -13.32 -60.42 -45.20
CA GLY B 17 -14.55 -59.73 -45.55
C GLY B 17 -15.23 -59.04 -44.39
N LYS B 18 -14.83 -59.38 -43.17
CA LYS B 18 -15.41 -58.79 -41.97
C LYS B 18 -15.33 -57.27 -41.96
N SER B 19 -16.29 -56.61 -41.31
CA SER B 19 -16.29 -55.16 -41.25
C SER B 19 -15.38 -54.60 -40.13
N ASP B 20 -15.19 -55.39 -39.07
CA ASP B 20 -14.30 -55.05 -37.95
C ASP B 20 -13.57 -56.33 -37.55
N LEU B 21 -12.24 -56.31 -37.59
CA LEU B 21 -11.49 -57.48 -37.24
C LEU B 21 -10.80 -57.24 -35.92
N ILE B 22 -10.66 -58.28 -35.10
CA ILE B 22 -9.98 -58.11 -33.83
C ILE B 22 -8.77 -59.00 -33.75
N VAL B 23 -7.66 -58.39 -33.39
CA VAL B 23 -6.41 -59.11 -33.29
C VAL B 23 -5.81 -59.05 -31.90
N ARG B 24 -5.23 -60.17 -31.47
CA ARG B 24 -4.61 -60.23 -30.16
C ARG B 24 -3.25 -59.57 -30.32
N VAL B 25 -2.87 -58.66 -29.43
CA VAL B 25 -1.59 -58.01 -29.58
C VAL B 25 -0.51 -59.08 -29.80
N GLY B 26 0.56 -58.71 -30.49
CA GLY B 26 1.63 -59.67 -30.76
C GLY B 26 1.44 -60.51 -32.01
N ASP B 27 0.22 -60.51 -32.56
CA ASP B 27 -0.11 -61.28 -33.74
C ASP B 27 0.03 -60.51 -35.03
N GLU B 28 -0.43 -61.13 -36.12
CA GLU B 28 -0.36 -60.56 -37.46
C GLU B 28 -1.65 -59.88 -37.92
N ILE B 29 -1.47 -59.01 -38.90
CA ILE B 29 -2.58 -58.33 -39.53
C ILE B 29 -2.31 -58.44 -41.02
N ARG B 30 -3.03 -59.36 -41.67
CA ARG B 30 -2.90 -59.62 -43.09
C ARG B 30 -4.14 -59.06 -43.75
N LEU B 31 -3.98 -58.07 -44.60
CA LEU B 31 -5.15 -57.53 -45.26
C LEU B 31 -4.98 -57.64 -46.76
N LEU B 32 -6.02 -58.12 -47.45
CA LEU B 32 -5.93 -58.28 -48.90
C LEU B 32 -6.95 -57.57 -49.77
N CYS B 33 -6.50 -56.52 -50.45
CA CYS B 33 -7.34 -55.74 -51.35
C CYS B 33 -7.25 -56.33 -52.75
N THR B 34 -8.42 -56.66 -53.34
CA THR B 34 -8.46 -57.25 -54.69
C THR B 34 -9.31 -56.48 -55.70
N ASP B 35 -8.62 -55.63 -56.46
CA ASP B 35 -9.26 -54.80 -57.47
C ASP B 35 -8.19 -54.50 -58.48
N PRO B 36 -8.55 -54.53 -59.77
CA PRO B 36 -7.63 -54.27 -60.87
C PRO B 36 -6.84 -52.98 -60.67
N GLY B 37 -7.54 -51.90 -60.29
CA GLY B 37 -6.91 -50.61 -60.09
C GLY B 37 -6.55 -50.26 -58.66
N PHE B 38 -5.67 -51.05 -58.07
CA PHE B 38 -5.26 -50.78 -56.71
C PHE B 38 -4.32 -49.59 -56.74
N VAL B 39 -4.65 -48.58 -55.95
CA VAL B 39 -3.82 -47.40 -55.89
C VAL B 39 -3.01 -47.44 -54.62
N LYS B 40 -3.71 -47.51 -53.49
CA LYS B 40 -3.03 -47.53 -52.19
C LYS B 40 -3.85 -48.06 -51.02
N TRP B 41 -3.13 -48.24 -49.91
CA TRP B 41 -3.67 -48.70 -48.63
C TRP B 41 -3.63 -47.48 -47.72
N THR B 42 -4.70 -47.25 -46.95
CA THR B 42 -4.74 -46.09 -46.10
C THR B 42 -5.10 -46.36 -44.65
N PHE B 43 -4.07 -46.40 -43.80
CA PHE B 43 -4.25 -46.62 -42.37
C PHE B 43 -4.22 -45.29 -41.65
N GLU B 44 -4.91 -45.21 -40.54
CA GLU B 44 -4.96 -43.97 -39.79
C GLU B 44 -5.67 -44.14 -38.46
N ILE B 45 -5.04 -43.62 -37.39
CA ILE B 45 -5.66 -43.69 -36.08
C ILE B 45 -6.00 -42.34 -35.52
N LEU B 46 -5.45 -41.96 -34.39
CA LEU B 46 -5.86 -40.68 -33.87
C LEU B 46 -5.54 -39.58 -34.88
N ASP B 47 -4.26 -39.42 -35.17
CA ASP B 47 -3.83 -38.41 -36.12
C ASP B 47 -2.78 -38.98 -37.04
N GLU B 48 -2.22 -40.14 -36.69
CA GLU B 48 -1.23 -40.76 -37.55
C GLU B 48 -2.04 -41.12 -38.77
N THR B 49 -1.35 -41.50 -39.84
CA THR B 49 -1.97 -41.89 -41.11
C THR B 49 -0.87 -42.42 -42.03
N ASN B 50 -0.92 -43.70 -42.34
CA ASN B 50 0.08 -44.35 -43.17
C ASN B 50 -0.53 -44.88 -44.44
N GLU B 51 0.09 -44.54 -45.56
CA GLU B 51 -0.37 -44.98 -46.86
C GLU B 51 0.52 -46.13 -47.26
N ASN B 52 0.05 -46.90 -48.24
CA ASN B 52 0.83 -48.02 -48.71
C ASN B 52 0.47 -48.49 -50.11
N LYS B 53 1.50 -48.77 -50.92
CA LYS B 53 1.35 -49.22 -52.30
C LYS B 53 1.61 -50.72 -52.47
N GLN B 54 0.77 -51.55 -51.86
CA GLN B 54 0.89 -52.99 -51.92
C GLN B 54 -0.50 -53.58 -51.74
N ASN B 55 -0.87 -54.50 -52.62
CA ASN B 55 -2.19 -55.12 -52.56
C ASN B 55 -2.45 -55.85 -51.23
N GLU B 56 -1.41 -56.50 -50.72
CA GLU B 56 -1.51 -57.25 -49.47
C GLU B 56 -0.81 -56.54 -48.32
N TRP B 57 -1.60 -56.04 -47.38
CA TRP B 57 -1.10 -55.34 -46.21
C TRP B 57 -0.72 -56.36 -45.17
N ILE B 58 0.49 -56.26 -44.61
CA ILE B 58 0.89 -57.17 -43.54
C ILE B 58 1.84 -56.53 -42.53
N THR B 59 1.52 -56.77 -41.27
CA THR B 59 2.30 -56.33 -40.12
C THR B 59 2.50 -57.65 -39.38
N GLU B 60 3.74 -57.97 -39.03
CA GLU B 60 4.00 -59.24 -38.34
C GLU B 60 3.67 -59.25 -36.85
N LYS B 61 4.14 -58.25 -36.12
CA LYS B 61 3.89 -58.17 -34.69
C LYS B 61 3.09 -56.90 -34.44
N ALA B 62 1.78 -57.06 -34.25
CA ALA B 62 0.88 -55.92 -34.02
C ALA B 62 0.85 -55.38 -32.59
N GLU B 63 0.59 -54.09 -32.45
CA GLU B 63 0.54 -53.44 -31.14
C GLU B 63 -0.73 -52.61 -31.10
N ALA B 64 -1.23 -52.31 -29.91
CA ALA B 64 -2.47 -51.55 -29.81
C ALA B 64 -2.42 -50.22 -30.55
N THR B 65 -1.25 -49.84 -31.05
CA THR B 65 -1.13 -48.60 -31.78
C THR B 65 -1.27 -48.92 -33.26
N ASN B 66 -1.90 -50.05 -33.54
CA ASN B 66 -2.19 -50.49 -34.88
C ASN B 66 -3.70 -50.44 -35.02
N THR B 67 -4.37 -50.42 -33.88
CA THR B 67 -5.80 -50.33 -33.89
C THR B 67 -6.18 -49.15 -34.76
N GLY B 68 -6.97 -49.39 -35.80
CA GLY B 68 -7.35 -48.26 -36.64
C GLY B 68 -8.40 -48.52 -37.70
N LYS B 69 -8.15 -47.95 -38.88
CA LYS B 69 -9.03 -48.08 -40.03
C LYS B 69 -8.18 -48.15 -41.27
N TYR B 70 -8.05 -49.37 -41.79
CA TYR B 70 -7.29 -49.68 -42.99
C TYR B 70 -8.20 -49.49 -44.20
N THR B 71 -7.87 -48.49 -45.03
CA THR B 71 -8.68 -48.17 -46.18
C THR B 71 -8.03 -48.46 -47.49
N CYS B 72 -8.75 -49.17 -48.35
CA CYS B 72 -8.27 -49.50 -49.69
C CYS B 72 -9.01 -48.63 -50.70
N THR B 73 -8.24 -47.86 -51.46
CA THR B 73 -8.80 -46.97 -52.47
C THR B 73 -8.50 -47.42 -53.89
N ASN B 74 -9.50 -47.26 -54.74
CA ASN B 74 -9.47 -47.63 -56.14
C ASN B 74 -8.82 -46.53 -56.98
N LYS B 75 -8.67 -46.77 -58.28
CA LYS B 75 -8.08 -45.77 -59.17
C LYS B 75 -9.15 -44.84 -59.72
N HIS B 76 -10.40 -45.11 -59.34
CA HIS B 76 -11.52 -44.30 -59.79
C HIS B 76 -12.01 -43.36 -58.69
N GLY B 77 -11.40 -43.47 -57.51
CA GLY B 77 -11.78 -42.63 -56.40
C GLY B 77 -12.75 -43.33 -55.49
N LEU B 78 -12.80 -44.66 -55.60
CA LEU B 78 -13.68 -45.47 -54.76
C LEU B 78 -12.83 -46.17 -53.71
N SER B 79 -13.48 -46.74 -52.69
CA SER B 79 -12.71 -47.41 -51.66
C SER B 79 -13.55 -48.20 -50.66
N ASN B 80 -12.90 -49.18 -50.05
CA ASN B 80 -13.53 -50.02 -49.05
C ASN B 80 -12.50 -50.19 -47.96
N SER B 81 -12.94 -50.42 -46.72
CA SER B 81 -11.99 -50.55 -45.61
C SER B 81 -12.54 -51.25 -44.35
N ILE B 82 -11.68 -51.95 -43.59
CA ILE B 82 -12.14 -52.59 -42.36
C ILE B 82 -11.42 -52.01 -41.16
N TYR B 83 -12.08 -52.06 -40.01
CA TYR B 83 -11.53 -51.54 -38.76
C TYR B 83 -10.89 -52.67 -38.00
N VAL B 84 -9.63 -52.50 -37.63
CA VAL B 84 -8.98 -53.54 -36.84
C VAL B 84 -8.64 -53.11 -35.40
N PHE B 85 -9.21 -53.87 -34.47
CA PHE B 85 -9.01 -53.68 -33.04
C PHE B 85 -7.95 -54.68 -32.65
N VAL B 86 -6.90 -54.21 -31.98
CA VAL B 86 -5.86 -55.10 -31.54
C VAL B 86 -5.86 -55.00 -30.03
N ARG B 87 -6.52 -55.96 -29.39
CA ARG B 87 -6.64 -55.99 -27.93
C ARG B 87 -5.37 -56.32 -27.18
N ASP B 88 -5.06 -55.41 -26.27
CA ASP B 88 -3.90 -55.48 -25.41
C ASP B 88 -4.48 -55.16 -24.06
N PRO B 89 -4.50 -56.15 -23.16
CA PRO B 89 -5.03 -56.03 -21.81
C PRO B 89 -4.33 -54.93 -21.05
N ALA B 90 -3.21 -54.45 -21.61
CA ALA B 90 -2.42 -53.37 -21.02
C ALA B 90 -3.09 -52.06 -21.38
N LYS B 91 -3.15 -51.74 -22.68
CA LYS B 91 -3.80 -50.51 -23.17
C LYS B 91 -5.17 -50.90 -23.68
N LEU B 92 -6.19 -50.25 -23.14
CA LEU B 92 -7.56 -50.53 -23.58
C LEU B 92 -8.03 -49.16 -24.00
N PHE B 93 -7.06 -48.30 -24.30
CA PHE B 93 -7.32 -46.92 -24.70
C PHE B 93 -6.13 -46.38 -25.49
N LEU B 94 -6.40 -45.58 -26.51
CA LEU B 94 -5.34 -44.93 -27.27
C LEU B 94 -5.74 -43.49 -27.05
N VAL B 95 -4.79 -42.57 -26.90
CA VAL B 95 -5.24 -41.20 -26.69
C VAL B 95 -4.47 -40.03 -27.21
N ASP B 96 -5.22 -38.98 -27.49
CA ASP B 96 -4.67 -37.74 -27.93
C ASP B 96 -5.05 -36.98 -26.67
N ARG B 97 -4.13 -36.94 -25.70
CA ARG B 97 -4.49 -36.25 -24.48
C ARG B 97 -4.58 -34.75 -24.66
N SER B 98 -4.82 -34.33 -25.90
CA SER B 98 -4.98 -32.93 -26.20
C SER B 98 -6.49 -32.78 -26.28
N LEU B 99 -7.03 -31.67 -25.77
CA LEU B 99 -8.48 -31.54 -25.83
C LEU B 99 -8.94 -30.11 -25.64
N TYR B 100 -9.31 -29.48 -26.74
CA TYR B 100 -9.80 -28.12 -26.68
C TYR B 100 -11.24 -28.16 -27.16
N GLY B 101 -12.00 -27.11 -26.88
CA GLY B 101 -13.38 -27.11 -27.32
C GLY B 101 -13.96 -25.73 -27.20
N LYS B 102 -14.78 -25.35 -28.17
CA LYS B 102 -15.41 -24.05 -28.20
C LYS B 102 -16.66 -24.08 -27.33
N GLU B 103 -17.20 -22.92 -27.05
CA GLU B 103 -18.36 -22.86 -26.22
C GLU B 103 -19.55 -23.35 -27.05
N ASP B 104 -20.49 -23.98 -26.37
CA ASP B 104 -21.70 -24.46 -27.03
C ASP B 104 -21.45 -25.48 -28.11
N SER B 105 -20.18 -25.72 -28.44
CA SER B 105 -19.86 -26.71 -29.47
C SER B 105 -19.80 -28.09 -28.86
N ASP B 106 -19.47 -29.08 -29.66
CA ASP B 106 -19.39 -30.42 -29.14
C ASP B 106 -17.90 -30.64 -29.17
N THR B 107 -17.41 -31.62 -28.41
CA THR B 107 -15.98 -31.89 -28.36
C THR B 107 -15.66 -33.34 -28.05
N LEU B 108 -14.74 -33.88 -28.84
CA LEU B 108 -14.35 -35.26 -28.69
C LEU B 108 -13.27 -35.48 -27.65
N VAL B 109 -13.54 -36.34 -26.68
CA VAL B 109 -12.50 -36.65 -25.74
C VAL B 109 -11.85 -37.81 -26.48
N ARG B 110 -10.71 -37.50 -27.08
CA ARG B 110 -9.90 -38.42 -27.89
C ARG B 110 -9.46 -39.74 -27.27
N CYS B 111 -10.37 -40.52 -26.71
CA CYS B 111 -9.94 -41.78 -26.11
C CYS B 111 -10.65 -42.97 -26.65
N PRO B 112 -10.26 -43.42 -27.86
CA PRO B 112 -10.76 -44.56 -28.62
C PRO B 112 -10.28 -45.88 -28.03
N LEU B 113 -11.14 -46.88 -28.14
CA LEU B 113 -10.87 -48.20 -27.60
C LEU B 113 -10.00 -49.13 -28.43
N THR B 114 -9.35 -50.03 -27.71
CA THR B 114 -8.43 -51.02 -28.25
C THR B 114 -9.15 -52.35 -28.42
N ASP B 115 -10.04 -52.66 -27.48
CA ASP B 115 -10.86 -53.86 -27.51
C ASP B 115 -12.29 -53.32 -27.51
N PRO B 116 -13.05 -53.61 -28.57
CA PRO B 116 -14.43 -53.13 -28.71
C PRO B 116 -15.38 -53.79 -27.74
N GLU B 117 -15.13 -55.05 -27.45
CA GLU B 117 -15.98 -55.78 -26.55
C GLU B 117 -15.67 -55.40 -25.12
N VAL B 118 -16.36 -54.36 -24.68
CA VAL B 118 -16.22 -53.84 -23.33
C VAL B 118 -17.58 -53.45 -22.80
N THR B 119 -17.75 -53.66 -21.49
CA THR B 119 -19.01 -53.38 -20.81
C THR B 119 -19.38 -51.92 -20.79
N SER B 120 -18.66 -51.09 -20.06
CA SER B 120 -19.09 -49.69 -20.11
C SER B 120 -18.11 -48.59 -20.38
N TYR B 121 -18.33 -48.03 -21.55
CA TYR B 121 -17.57 -46.94 -22.06
C TYR B 121 -18.28 -45.74 -21.51
N SER B 122 -17.57 -44.99 -20.68
CA SER B 122 -18.17 -43.81 -20.10
C SER B 122 -17.12 -42.78 -19.75
N LEU B 123 -17.57 -41.55 -19.63
CA LEU B 123 -16.72 -40.44 -19.29
C LEU B 123 -16.87 -40.25 -17.79
N LYS B 124 -15.77 -40.39 -17.04
CA LYS B 124 -15.89 -40.23 -15.61
C LYS B 124 -15.27 -38.99 -15.00
N GLY B 125 -15.78 -38.63 -13.83
CA GLY B 125 -15.25 -37.48 -13.13
C GLY B 125 -13.78 -37.74 -12.99
N CYS B 126 -13.08 -36.84 -12.32
CA CYS B 126 -11.65 -37.00 -12.19
C CYS B 126 -11.26 -36.66 -10.77
N GLN B 127 -10.69 -37.66 -10.08
CA GLN B 127 -10.26 -37.55 -8.67
C GLN B 127 -11.44 -37.51 -7.67
N GLY B 128 -12.28 -38.53 -7.78
CA GLY B 128 -13.42 -38.59 -6.91
C GLY B 128 -14.53 -37.72 -7.45
N LYS B 129 -14.30 -36.42 -7.52
CA LYS B 129 -15.31 -35.47 -8.03
C LYS B 129 -16.20 -36.09 -9.10
N PRO B 130 -17.48 -35.78 -9.07
CA PRO B 130 -18.43 -36.32 -10.05
C PRO B 130 -18.59 -35.30 -11.19
N LEU B 131 -18.68 -35.75 -12.45
CA LEU B 131 -18.84 -34.82 -13.58
C LEU B 131 -20.05 -33.99 -13.25
N PRO B 132 -20.18 -32.80 -13.87
CA PRO B 132 -21.34 -31.95 -13.59
C PRO B 132 -22.63 -32.61 -14.00
N LYS B 133 -23.65 -32.49 -13.17
CA LYS B 133 -24.92 -33.11 -13.49
C LYS B 133 -25.40 -32.57 -14.83
N ASP B 134 -24.89 -31.40 -15.20
CA ASP B 134 -25.29 -30.75 -16.43
C ASP B 134 -24.78 -31.47 -17.70
N LEU B 135 -23.48 -31.70 -17.76
CA LEU B 135 -22.83 -32.35 -18.90
C LEU B 135 -23.45 -33.66 -19.34
N ARG B 136 -23.52 -33.87 -20.66
CA ARG B 136 -24.06 -35.09 -21.23
C ARG B 136 -23.17 -35.55 -22.40
N PHE B 137 -22.89 -36.84 -22.50
CA PHE B 137 -22.01 -37.31 -23.57
C PHE B 137 -22.50 -38.56 -24.29
N ILE B 138 -21.87 -38.85 -25.43
CA ILE B 138 -22.21 -40.01 -26.26
C ILE B 138 -20.96 -40.64 -26.84
N PRO B 139 -20.51 -41.74 -26.24
CA PRO B 139 -19.31 -42.51 -26.62
C PRO B 139 -19.38 -43.15 -27.99
N ASP B 140 -18.21 -43.53 -28.51
CA ASP B 140 -18.04 -44.18 -29.82
C ASP B 140 -16.65 -44.80 -29.90
N PRO B 141 -16.54 -46.11 -29.66
CA PRO B 141 -15.26 -46.86 -29.67
C PRO B 141 -14.34 -46.66 -30.85
N LYS B 142 -14.79 -45.85 -31.79
CA LYS B 142 -13.98 -45.57 -32.97
C LYS B 142 -13.56 -44.11 -33.01
N ALA B 143 -13.75 -43.39 -31.90
CA ALA B 143 -13.38 -41.99 -31.78
C ALA B 143 -12.98 -41.77 -30.35
N GLY B 144 -14.00 -41.52 -29.54
CA GLY B 144 -13.82 -41.30 -28.12
C GLY B 144 -15.19 -40.98 -27.58
N ILE B 145 -15.26 -40.25 -26.48
CA ILE B 145 -16.55 -39.87 -25.95
C ILE B 145 -16.77 -38.45 -26.44
N MET B 146 -17.97 -38.15 -26.87
CA MET B 146 -18.26 -36.82 -27.38
C MET B 146 -18.90 -35.94 -26.36
N ILE B 147 -18.15 -35.04 -25.73
CA ILE B 147 -18.78 -34.15 -24.77
C ILE B 147 -19.73 -33.25 -25.57
N LYS B 148 -20.93 -33.04 -25.10
CA LYS B 148 -21.85 -32.22 -25.89
C LYS B 148 -22.18 -30.82 -25.36
N SER B 149 -22.12 -29.84 -26.27
CA SER B 149 -22.43 -28.46 -25.93
C SER B 149 -21.55 -27.89 -24.83
N VAL B 150 -20.27 -28.26 -24.89
CA VAL B 150 -19.25 -27.81 -23.95
C VAL B 150 -19.48 -26.36 -23.55
N LYS B 151 -19.81 -26.20 -22.26
CA LYS B 151 -20.09 -24.90 -21.60
C LYS B 151 -18.83 -24.35 -20.90
N ARG B 152 -18.81 -23.06 -20.58
CA ARG B 152 -17.64 -22.47 -19.92
C ARG B 152 -17.27 -23.22 -18.65
N ALA B 153 -18.27 -23.52 -17.83
CA ALA B 153 -18.07 -24.23 -16.57
C ALA B 153 -17.26 -25.51 -16.69
N TYR B 154 -17.18 -26.09 -17.87
CA TYR B 154 -16.40 -27.31 -18.05
C TYR B 154 -14.93 -26.93 -18.23
N HIS B 155 -14.64 -25.64 -18.13
CA HIS B 155 -13.26 -25.21 -18.34
C HIS B 155 -12.26 -25.82 -17.35
N ARG B 156 -11.10 -26.17 -17.88
CA ARG B 156 -10.05 -26.80 -17.10
C ARG B 156 -10.54 -28.09 -16.45
N LEU B 157 -11.80 -28.40 -16.65
CA LEU B 157 -12.39 -29.63 -16.12
C LEU B 157 -11.55 -30.83 -16.54
N CYS B 158 -11.30 -31.79 -15.64
CA CYS B 158 -10.56 -32.98 -16.07
C CYS B 158 -11.48 -34.19 -16.02
N LEU B 159 -11.35 -35.06 -17.02
CA LEU B 159 -12.15 -36.26 -17.12
C LEU B 159 -11.27 -37.45 -17.31
N HIS B 160 -11.90 -38.60 -17.26
CA HIS B 160 -11.24 -39.86 -17.48
C HIS B 160 -12.13 -40.66 -18.40
N CYS B 161 -11.52 -41.47 -19.21
CA CYS B 161 -12.30 -42.26 -20.10
C CYS B 161 -12.41 -43.56 -19.29
N SER B 162 -13.62 -44.01 -18.99
CA SER B 162 -13.75 -45.22 -18.22
C SER B 162 -14.34 -46.34 -19.00
N VAL B 163 -14.04 -47.54 -18.55
CA VAL B 163 -14.53 -48.72 -19.22
C VAL B 163 -14.53 -49.89 -18.25
N ASP B 164 -15.51 -50.79 -18.35
CA ASP B 164 -15.55 -51.93 -17.43
C ASP B 164 -15.24 -53.26 -18.08
N GLN B 165 -14.18 -53.91 -17.66
CA GLN B 165 -13.87 -55.21 -18.23
C GLN B 165 -13.58 -56.23 -17.14
N GLU B 166 -14.31 -57.34 -17.17
CA GLU B 166 -14.19 -58.39 -16.15
C GLU B 166 -14.76 -57.86 -14.84
N GLY B 167 -15.96 -57.29 -14.91
CA GLY B 167 -16.61 -56.74 -13.71
C GLY B 167 -15.88 -55.55 -13.11
N LYS B 168 -14.57 -55.51 -13.29
CA LYS B 168 -13.72 -54.43 -12.78
C LYS B 168 -13.66 -53.28 -13.80
N SER B 169 -13.71 -52.04 -13.30
CA SER B 169 -13.66 -50.88 -14.19
C SER B 169 -12.28 -50.21 -14.27
N VAL B 170 -11.77 -50.03 -15.49
CA VAL B 170 -10.46 -49.42 -15.71
C VAL B 170 -10.55 -48.00 -16.28
N LEU B 171 -9.55 -47.20 -15.93
CA LEU B 171 -9.48 -45.82 -16.34
C LEU B 171 -8.33 -45.52 -17.27
N SER B 172 -8.53 -44.50 -18.10
CA SER B 172 -7.59 -44.03 -19.10
C SER B 172 -6.77 -42.93 -18.50
N GLU B 173 -5.77 -42.47 -19.23
CA GLU B 173 -4.98 -41.34 -18.77
C GLU B 173 -5.97 -40.19 -18.59
N LYS B 174 -5.52 -39.05 -18.06
CA LYS B 174 -6.44 -37.93 -17.83
C LYS B 174 -6.44 -36.86 -18.90
N PHE B 175 -7.65 -36.45 -19.28
CA PHE B 175 -7.88 -35.42 -20.30
C PHE B 175 -8.25 -34.24 -19.47
N ILE B 176 -7.95 -33.03 -19.92
CA ILE B 176 -8.24 -31.86 -19.13
C ILE B 176 -8.90 -30.70 -19.91
N LEU B 177 -9.97 -31.05 -20.62
CA LEU B 177 -10.73 -30.12 -21.45
C LEU B 177 -10.57 -28.65 -21.13
N LYS B 178 -10.05 -27.87 -22.09
CA LYS B 178 -9.87 -26.42 -21.98
C LYS B 178 -10.91 -25.75 -22.88
N VAL B 179 -11.92 -25.11 -22.30
CA VAL B 179 -13.00 -24.49 -23.11
C VAL B 179 -12.76 -23.08 -23.63
N ARG B 180 -13.04 -22.92 -24.92
CA ARG B 180 -12.88 -21.66 -25.64
C ARG B 180 -14.19 -20.87 -25.63
N PRO B 181 -14.20 -19.70 -25.00
CA PRO B 181 -15.41 -18.91 -24.93
C PRO B 181 -15.96 -18.57 -26.27
N ALA B 182 -17.27 -18.38 -26.28
CA ALA B 182 -18.03 -17.99 -27.45
C ALA B 182 -18.59 -16.60 -27.10
N PHE B 183 -18.05 -15.54 -27.67
CA PHE B 183 -18.52 -14.18 -27.31
C PHE B 183 -20.03 -14.03 -27.22
N LYS B 184 -20.54 -13.83 -26.03
CA LYS B 184 -21.98 -13.69 -25.89
C LYS B 184 -22.37 -12.28 -25.50
N ALA B 185 -21.40 -11.36 -25.53
CA ALA B 185 -21.68 -9.95 -25.20
C ALA B 185 -20.57 -9.02 -25.62
N VAL B 186 -20.92 -7.77 -25.84
CA VAL B 186 -19.99 -6.76 -26.30
C VAL B 186 -18.91 -6.44 -25.28
N PRO B 187 -17.74 -5.96 -25.75
CA PRO B 187 -16.59 -5.58 -24.92
C PRO B 187 -16.93 -4.48 -23.91
N VAL B 188 -16.05 -4.32 -22.93
CA VAL B 188 -16.22 -3.27 -21.94
C VAL B 188 -15.00 -2.40 -22.14
N VAL B 189 -15.23 -1.22 -22.67
CA VAL B 189 -14.14 -0.32 -22.96
C VAL B 189 -14.28 0.98 -22.21
N SER B 190 -13.18 1.41 -21.59
CA SER B 190 -13.14 2.65 -20.83
C SER B 190 -11.85 3.41 -21.11
N VAL B 191 -11.88 4.71 -20.88
CA VAL B 191 -10.71 5.53 -21.16
C VAL B 191 -10.30 6.37 -19.96
N SER B 192 -8.99 6.53 -19.79
CA SER B 192 -8.40 7.28 -18.69
C SER B 192 -9.01 8.65 -18.38
N LYS B 193 -8.85 9.58 -19.30
CA LYS B 193 -9.40 10.94 -19.13
C LYS B 193 -10.38 11.25 -20.25
N ALA B 194 -11.54 11.80 -19.91
CA ALA B 194 -12.56 12.15 -20.90
C ALA B 194 -12.11 13.16 -21.97
N SER B 195 -11.70 14.36 -21.55
CA SER B 195 -11.29 15.40 -22.48
C SER B 195 -9.99 16.06 -22.10
N TYR B 196 -9.09 16.20 -23.06
CA TYR B 196 -7.81 16.82 -22.81
C TYR B 196 -7.73 18.26 -23.30
N LEU B 197 -6.70 18.97 -22.84
CA LEU B 197 -6.45 20.37 -23.20
C LEU B 197 -5.03 20.75 -22.81
N LEU B 198 -4.19 20.98 -23.80
CA LEU B 198 -2.81 21.36 -23.53
C LEU B 198 -2.24 22.36 -24.52
N ARG B 199 -1.23 23.08 -24.05
CA ARG B 199 -0.55 24.10 -24.83
C ARG B 199 0.36 23.43 -25.85
N GLU B 200 0.23 23.84 -27.11
CA GLU B 200 1.05 23.29 -28.18
C GLU B 200 2.49 23.13 -27.68
N GLY B 201 3.10 21.98 -27.97
CA GLY B 201 4.46 21.73 -27.54
C GLY B 201 4.53 20.61 -26.49
N GLU B 202 3.46 20.46 -25.73
CA GLU B 202 3.38 19.43 -24.69
C GLU B 202 3.07 18.06 -25.31
N GLU B 203 2.81 17.08 -24.44
CA GLU B 203 2.52 15.74 -24.91
C GLU B 203 1.10 15.31 -24.60
N PHE B 204 0.44 14.71 -25.58
CA PHE B 204 -0.92 14.23 -25.43
C PHE B 204 -0.88 12.76 -25.40
N THR B 205 -1.18 12.19 -24.23
CA THR B 205 -1.18 10.76 -24.09
C THR B 205 -2.42 10.40 -23.32
N VAL B 206 -3.10 9.36 -23.80
CA VAL B 206 -4.33 8.91 -23.17
C VAL B 206 -4.32 7.40 -23.26
N THR B 207 -5.03 6.71 -22.36
CA THR B 207 -5.03 5.26 -22.44
C THR B 207 -6.38 4.57 -22.29
N CYS B 208 -6.70 3.75 -23.29
CA CYS B 208 -7.96 3.02 -23.36
C CYS B 208 -7.81 1.62 -22.79
N THR B 209 -8.87 1.20 -22.09
CA THR B 209 -8.88 -0.12 -21.46
C THR B 209 -10.02 -1.05 -21.91
N ILE B 210 -9.63 -2.11 -22.62
CA ILE B 210 -10.57 -3.10 -23.12
C ILE B 210 -10.57 -4.31 -22.19
N LYS B 211 -11.77 -4.73 -21.78
CA LYS B 211 -11.88 -5.88 -20.90
C LYS B 211 -12.87 -6.81 -21.56
N ASP B 212 -12.45 -8.02 -21.87
CA ASP B 212 -13.33 -8.99 -22.53
C ASP B 212 -12.94 -10.46 -22.33
N VAL B 213 -13.93 -11.32 -22.43
CA VAL B 213 -13.79 -12.76 -22.29
C VAL B 213 -12.53 -13.34 -22.93
N SER B 214 -11.90 -12.59 -23.82
CA SER B 214 -10.71 -13.11 -24.45
C SER B 214 -9.78 -12.12 -25.10
N SER B 215 -8.51 -12.49 -25.10
CA SER B 215 -7.45 -11.68 -25.66
C SER B 215 -7.67 -11.53 -27.12
N SER B 216 -8.58 -12.31 -27.66
CA SER B 216 -8.85 -12.25 -29.09
C SER B 216 -9.66 -11.03 -29.55
N VAL B 217 -10.07 -10.17 -28.61
CA VAL B 217 -10.82 -8.96 -28.99
C VAL B 217 -10.03 -8.11 -29.96
N TYR B 218 -10.70 -7.12 -30.55
CA TYR B 218 -10.06 -6.20 -31.49
C TYR B 218 -10.29 -4.83 -30.89
N SER B 219 -9.19 -4.15 -30.59
CA SER B 219 -9.27 -2.84 -29.98
C SER B 219 -8.40 -1.97 -30.81
N THR B 220 -8.95 -0.81 -31.20
CA THR B 220 -8.16 0.08 -32.00
C THR B 220 -8.42 1.55 -31.76
N TRP B 221 -7.33 2.31 -31.86
CA TRP B 221 -7.30 3.75 -31.69
C TRP B 221 -7.42 4.36 -33.08
N LYS B 222 -8.59 4.90 -33.38
CA LYS B 222 -8.81 5.52 -34.67
C LYS B 222 -9.21 6.97 -34.42
N ARG B 223 -8.54 7.88 -35.11
CA ARG B 223 -8.82 9.31 -35.00
C ARG B 223 -10.15 9.57 -35.67
N GLU B 224 -11.12 10.09 -34.91
CA GLU B 224 -12.45 10.36 -35.44
C GLU B 224 -12.45 10.64 -36.95
N ASN B 225 -13.32 9.93 -37.67
CA ASN B 225 -13.47 10.06 -39.12
C ASN B 225 -12.13 9.96 -39.88
N SER B 226 -11.45 8.83 -39.73
CA SER B 226 -10.18 8.60 -40.40
C SER B 226 -9.72 7.16 -40.19
N GLN B 227 -9.66 6.39 -41.27
CA GLN B 227 -9.25 5.00 -41.21
C GLN B 227 -7.73 4.87 -41.24
N THR B 228 -7.03 5.92 -40.85
CA THR B 228 -5.58 5.92 -40.83
C THR B 228 -5.07 5.06 -39.67
N LYS B 229 -3.79 4.70 -39.72
CA LYS B 229 -3.16 3.89 -38.68
C LYS B 229 -2.37 4.70 -37.67
N LEU B 230 -2.86 4.71 -36.43
CA LEU B 230 -2.22 5.47 -35.34
C LEU B 230 -1.20 4.64 -34.59
N GLN B 231 -0.23 5.32 -33.99
CA GLN B 231 0.81 4.70 -33.21
C GLN B 231 0.33 4.51 -31.77
N GLU B 232 0.09 3.25 -31.38
CA GLU B 232 -0.36 2.95 -30.03
C GLU B 232 0.52 1.88 -29.39
N LYS B 233 0.85 2.07 -28.10
CA LYS B 233 1.64 1.09 -27.35
C LYS B 233 0.62 0.42 -26.44
N TYR B 234 0.70 -0.90 -26.32
CA TYR B 234 -0.28 -1.62 -25.53
C TYR B 234 0.22 -2.64 -24.53
N ASN B 235 -0.50 -2.77 -23.42
CA ASN B 235 -0.17 -3.74 -22.41
C ASN B 235 -1.47 -4.54 -22.17
N SER B 236 -1.30 -5.78 -21.74
CA SER B 236 -2.41 -6.70 -21.51
C SER B 236 -2.19 -7.60 -20.30
N TRP B 237 -3.28 -8.11 -19.71
CA TRP B 237 -3.22 -9.02 -18.55
C TRP B 237 -4.34 -10.03 -18.56
N HIS B 238 -4.21 -11.05 -17.71
CA HIS B 238 -5.24 -12.09 -17.56
C HIS B 238 -5.66 -12.17 -16.12
N HIS B 239 -6.83 -11.64 -15.78
CA HIS B 239 -7.27 -11.71 -14.40
C HIS B 239 -8.16 -12.89 -14.16
N GLY B 240 -7.58 -14.09 -14.21
CA GLY B 240 -8.39 -15.29 -14.00
C GLY B 240 -8.93 -15.91 -15.27
N ASP B 241 -10.01 -16.68 -15.16
CA ASP B 241 -10.57 -17.30 -16.36
C ASP B 241 -11.51 -16.35 -17.06
N PHE B 242 -11.73 -16.62 -18.34
CA PHE B 242 -12.60 -15.83 -19.18
C PHE B 242 -12.60 -14.38 -18.76
N ASN B 243 -11.41 -13.89 -18.43
CA ASN B 243 -11.23 -12.50 -18.03
C ASN B 243 -9.93 -12.06 -18.63
N TYR B 244 -9.96 -10.94 -19.38
CA TYR B 244 -8.77 -10.43 -20.04
C TYR B 244 -8.79 -8.93 -20.04
N GLU B 245 -7.61 -8.34 -19.98
CA GLU B 245 -7.49 -6.89 -19.99
C GLU B 245 -6.35 -6.44 -20.84
N ARG B 246 -6.64 -5.50 -21.72
CA ARG B 246 -5.63 -4.94 -22.58
C ARG B 246 -5.79 -3.45 -22.42
N GLN B 247 -4.66 -2.76 -22.41
CA GLN B 247 -4.63 -1.33 -22.26
C GLN B 247 -3.71 -0.82 -23.32
N ALA B 248 -4.32 -0.24 -24.34
CA ALA B 248 -3.59 0.33 -25.44
C ALA B 248 -3.54 1.81 -25.14
N THR B 249 -2.33 2.33 -25.10
CA THR B 249 -2.17 3.72 -24.80
C THR B 249 -1.67 4.53 -25.99
N LEU B 250 -2.42 5.60 -26.27
CA LEU B 250 -2.12 6.50 -27.38
C LEU B 250 -1.36 7.73 -26.95
N THR B 251 -0.29 8.05 -27.66
CA THR B 251 0.51 9.20 -27.30
C THR B 251 1.15 9.97 -28.44
N ILE B 252 0.92 11.29 -28.40
CA ILE B 252 1.45 12.23 -29.39
C ILE B 252 2.52 13.07 -28.71
N SER B 253 3.79 12.76 -28.97
CA SER B 253 4.88 13.52 -28.36
C SER B 253 5.00 14.88 -29.05
N SER B 254 4.75 15.95 -28.29
CA SER B 254 4.79 17.32 -28.82
C SER B 254 3.63 17.56 -29.78
N ALA B 255 2.46 17.80 -29.22
CA ALA B 255 1.25 18.00 -30.01
C ALA B 255 1.14 19.32 -30.73
N ARG B 256 0.84 19.24 -32.03
CA ARG B 256 0.68 20.42 -32.87
C ARG B 256 -0.80 20.77 -32.90
N VAL B 257 -1.09 22.05 -33.05
CA VAL B 257 -2.46 22.55 -33.09
C VAL B 257 -3.45 21.78 -33.96
N ASN B 258 -3.04 21.37 -35.16
CA ASN B 258 -3.95 20.64 -36.05
C ASN B 258 -4.23 19.23 -35.54
N ASP B 259 -3.42 18.76 -34.60
CA ASP B 259 -3.59 17.43 -34.02
C ASP B 259 -4.78 17.44 -33.07
N SER B 260 -5.61 18.47 -33.17
CA SER B 260 -6.78 18.59 -32.31
C SER B 260 -7.88 17.66 -32.79
N GLY B 261 -9.07 17.86 -32.25
CA GLY B 261 -10.21 17.03 -32.63
C GLY B 261 -10.49 15.89 -31.65
N VAL B 262 -11.42 15.01 -32.05
CA VAL B 262 -11.80 13.85 -31.22
C VAL B 262 -10.99 12.59 -31.54
N PHE B 263 -10.96 11.67 -30.59
CA PHE B 263 -10.27 10.39 -30.76
C PHE B 263 -11.20 9.32 -30.23
N MET B 264 -11.25 8.20 -30.92
CA MET B 264 -12.14 7.13 -30.49
C MET B 264 -11.48 5.75 -30.45
N CYS B 265 -11.78 5.02 -29.37
CA CYS B 265 -11.27 3.68 -29.12
C CYS B 265 -12.33 2.65 -29.55
N TYR B 266 -11.90 1.63 -30.27
CA TYR B 266 -12.85 0.64 -30.77
C TYR B 266 -12.67 -0.81 -30.35
N ALA B 267 -13.79 -1.42 -29.96
CA ALA B 267 -13.79 -2.80 -29.55
C ALA B 267 -14.68 -3.57 -30.52
N ASN B 268 -14.08 -4.51 -31.25
CA ASN B 268 -14.80 -5.31 -32.23
C ASN B 268 -14.64 -6.79 -31.90
N ASN B 269 -15.74 -7.49 -31.64
CA ASN B 269 -15.67 -8.93 -31.39
C ASN B 269 -16.84 -9.63 -32.08
N THR B 270 -16.73 -10.95 -32.28
CA THR B 270 -17.76 -11.75 -32.93
C THR B 270 -19.16 -11.57 -32.34
N PHE B 271 -19.53 -10.36 -32.00
CA PHE B 271 -20.83 -10.14 -31.42
C PHE B 271 -21.15 -8.67 -31.27
N GLY B 272 -20.14 -7.82 -31.12
CA GLY B 272 -20.42 -6.41 -30.96
C GLY B 272 -19.30 -5.40 -31.08
N SER B 273 -19.66 -4.15 -30.81
CA SER B 273 -18.72 -3.03 -30.89
C SER B 273 -18.81 -2.13 -29.68
N ALA B 274 -17.74 -1.35 -29.46
CA ALA B 274 -17.71 -0.43 -28.34
C ALA B 274 -16.94 0.85 -28.66
N ASN B 275 -17.66 1.97 -28.56
CA ASN B 275 -17.18 3.34 -28.82
C ASN B 275 -16.69 3.92 -27.52
N VAL B 276 -15.68 4.78 -27.62
CA VAL B 276 -15.11 5.49 -26.48
C VAL B 276 -14.30 6.60 -27.09
N THR B 277 -14.67 7.83 -26.80
CA THR B 277 -13.96 8.96 -27.37
C THR B 277 -13.38 9.86 -26.31
N THR B 278 -12.28 10.51 -26.68
CA THR B 278 -11.58 11.42 -25.79
C THR B 278 -11.17 12.63 -26.62
N THR B 279 -11.93 13.72 -26.50
CA THR B 279 -11.66 14.93 -27.26
C THR B 279 -10.45 15.74 -26.80
N LEU B 280 -9.52 15.97 -27.72
CA LEU B 280 -8.31 16.72 -27.43
C LEU B 280 -8.31 18.06 -28.13
N GLU B 281 -8.08 19.13 -27.36
CA GLU B 281 -8.05 20.49 -27.87
C GLU B 281 -6.71 21.18 -27.63
N VAL B 282 -5.90 21.29 -28.67
CA VAL B 282 -4.59 21.92 -28.56
C VAL B 282 -4.69 23.40 -28.91
N VAL B 283 -3.94 24.24 -28.20
CA VAL B 283 -3.93 25.67 -28.43
C VAL B 283 -2.49 26.15 -28.54
N ASP B 284 -2.28 27.28 -29.22
CA ASP B 284 -0.94 27.82 -29.40
C ASP B 284 -0.41 28.64 -28.23
N LYS B 285 -1.29 29.04 -27.31
CA LYS B 285 -0.89 29.82 -26.14
C LYS B 285 -2.02 29.90 -25.12
N GLY B 286 -1.66 29.99 -23.85
CA GLY B 286 -2.66 30.06 -22.80
C GLY B 286 -3.63 31.21 -22.94
N PHE B 287 -4.55 31.35 -21.98
CA PHE B 287 -5.54 32.42 -22.01
C PHE B 287 -6.29 32.60 -20.69
N ILE B 288 -6.86 33.78 -20.47
CA ILE B 288 -7.62 34.09 -19.25
C ILE B 288 -8.81 35.00 -19.58
N ASN B 289 -10.02 34.57 -19.26
CA ASN B 289 -11.19 35.39 -19.55
C ASN B 289 -11.95 35.69 -18.26
N ILE B 290 -12.55 36.88 -18.19
CA ILE B 290 -13.29 37.28 -16.99
C ILE B 290 -14.73 37.72 -17.22
N PHE B 291 -15.61 37.33 -16.30
CA PHE B 291 -17.03 37.68 -16.35
C PHE B 291 -17.45 38.11 -14.93
N PRO B 292 -17.84 39.38 -14.74
CA PRO B 292 -18.25 39.88 -13.41
C PRO B 292 -19.54 39.27 -12.87
N ASN B 295 -23.04 44.26 -12.05
CA ASN B 295 -22.66 45.67 -12.19
C ASN B 295 -21.20 45.84 -11.74
N THR B 296 -20.44 46.64 -12.47
CA THR B 296 -19.03 46.90 -12.14
C THR B 296 -18.91 48.14 -11.26
N THR B 297 -20.05 48.76 -10.99
CA THR B 297 -20.15 49.96 -10.16
C THR B 297 -21.08 49.63 -8.99
N VAL B 298 -20.56 49.70 -7.79
CA VAL B 298 -21.37 49.33 -6.65
C VAL B 298 -21.79 50.49 -5.78
N PHE B 299 -22.89 50.32 -5.06
CA PHE B 299 -23.38 51.32 -4.13
C PHE B 299 -23.48 50.72 -2.73
N VAL B 300 -23.36 51.56 -1.72
CA VAL B 300 -23.41 51.06 -0.36
C VAL B 300 -23.95 52.14 0.57
N ASN B 301 -23.60 52.05 1.85
CA ASN B 301 -24.01 53.04 2.83
C ASN B 301 -23.03 53.04 4.00
N ASP B 302 -22.87 54.19 4.66
CA ASP B 302 -21.96 54.27 5.79
C ASP B 302 -22.29 53.16 6.80
N GLY B 303 -21.40 52.19 6.93
CA GLY B 303 -21.58 51.11 7.88
C GLY B 303 -21.93 49.77 7.26
N GLU B 304 -22.48 49.82 6.05
CA GLU B 304 -22.88 48.61 5.32
C GLU B 304 -21.71 47.81 4.79
N ASN B 305 -21.95 46.52 4.60
CA ASN B 305 -20.94 45.61 4.08
C ASN B 305 -21.27 45.31 2.62
N VAL B 306 -20.31 44.78 1.89
CA VAL B 306 -20.52 44.43 0.49
C VAL B 306 -19.41 43.52 -0.02
N ASP B 307 -19.79 42.49 -0.76
CA ASP B 307 -18.83 41.53 -1.30
C ASP B 307 -18.74 41.70 -2.80
N LEU B 308 -17.53 41.65 -3.34
CA LEU B 308 -17.35 41.78 -4.79
C LEU B 308 -16.93 40.42 -5.27
N ILE B 309 -17.55 39.92 -6.35
CA ILE B 309 -17.20 38.59 -6.84
C ILE B 309 -17.00 38.49 -8.35
N VAL B 310 -15.84 37.99 -8.76
CA VAL B 310 -15.59 37.82 -10.18
C VAL B 310 -15.31 36.36 -10.45
N GLU B 311 -15.54 35.93 -11.69
CA GLU B 311 -15.31 34.55 -12.10
C GLU B 311 -14.44 34.59 -13.34
N TYR B 312 -13.74 33.51 -13.65
CA TYR B 312 -12.89 33.52 -14.84
C TYR B 312 -12.39 32.15 -15.27
N GLU B 313 -11.96 32.07 -16.53
CA GLU B 313 -11.40 30.84 -17.08
C GLU B 313 -9.92 31.15 -17.19
N ALA B 314 -9.08 30.20 -16.79
CA ALA B 314 -7.65 30.45 -16.85
C ALA B 314 -6.88 29.18 -17.13
N PHE B 315 -6.04 29.23 -18.16
CA PHE B 315 -5.24 28.09 -18.56
C PHE B 315 -3.95 28.65 -19.11
N PRO B 316 -2.81 28.26 -18.53
CA PRO B 316 -2.72 27.33 -17.42
C PRO B 316 -3.37 27.86 -16.15
N LYS B 317 -3.15 27.16 -15.05
CA LYS B 317 -3.71 27.52 -13.76
C LYS B 317 -3.33 28.94 -13.36
N PRO B 318 -4.27 29.67 -12.74
CA PRO B 318 -4.08 31.05 -12.30
C PRO B 318 -3.04 31.14 -11.19
N GLU B 319 -2.02 31.97 -11.41
CA GLU B 319 -0.95 32.15 -10.44
C GLU B 319 -1.29 33.21 -9.41
N HIS B 320 -0.58 34.33 -9.50
CA HIS B 320 -0.77 35.42 -8.55
C HIS B 320 -2.12 36.08 -8.79
N GLN B 321 -2.87 36.21 -7.70
CA GLN B 321 -4.19 36.79 -7.74
C GLN B 321 -4.27 37.77 -6.59
N GLN B 322 -5.05 38.84 -6.74
CA GLN B 322 -5.18 39.79 -5.65
C GLN B 322 -6.19 40.92 -5.84
N TRP B 323 -6.44 41.65 -4.75
CA TRP B 323 -7.35 42.79 -4.74
C TRP B 323 -6.60 44.02 -4.25
N ILE B 324 -6.65 45.08 -5.06
CA ILE B 324 -5.98 46.34 -4.74
C ILE B 324 -6.92 47.55 -4.79
N TYR B 325 -6.78 48.42 -3.79
CA TYR B 325 -7.60 49.62 -3.66
C TYR B 325 -6.75 50.88 -3.81
N MET B 326 -7.05 51.69 -4.82
CA MET B 326 -6.27 52.90 -5.07
C MET B 326 -4.83 52.42 -5.24
N ASN B 327 -4.60 51.70 -6.32
CA ASN B 327 -3.31 51.11 -6.68
C ASN B 327 -2.43 50.61 -5.53
N ARG B 328 -3.04 50.24 -4.41
CA ARG B 328 -2.29 49.70 -3.29
C ARG B 328 -2.96 48.48 -2.67
N THR B 329 -2.16 47.66 -1.98
CA THR B 329 -2.67 46.47 -1.33
C THR B 329 -3.29 46.89 -0.01
N PHE B 330 -4.22 46.09 0.51
CA PHE B 330 -4.82 46.44 1.78
C PHE B 330 -5.15 45.25 2.66
N THR B 331 -6.18 44.49 2.31
CA THR B 331 -6.58 43.35 3.13
C THR B 331 -6.20 42.01 2.54
N ASP B 332 -6.51 40.95 3.28
CA ASP B 332 -6.26 39.58 2.88
C ASP B 332 -7.60 38.87 3.07
N LYS B 333 -8.64 39.68 3.29
CA LYS B 333 -9.99 39.19 3.51
C LYS B 333 -10.71 38.92 2.19
N TRP B 334 -10.17 37.98 1.42
CA TRP B 334 -10.74 37.60 0.13
C TRP B 334 -10.45 36.14 -0.17
N GLU B 335 -11.49 35.42 -0.55
CA GLU B 335 -11.41 33.99 -0.87
C GLU B 335 -11.17 33.76 -2.36
N ASP B 336 -10.35 32.76 -2.66
CA ASP B 336 -10.04 32.39 -4.03
C ASP B 336 -10.29 30.88 -4.09
N TYR B 337 -10.97 30.41 -5.14
CA TYR B 337 -11.26 28.99 -5.23
C TYR B 337 -11.82 28.55 -6.60
N PRO B 338 -11.53 27.31 -7.01
CA PRO B 338 -12.02 26.76 -8.28
C PRO B 338 -13.52 26.50 -8.19
N LYS B 339 -14.23 26.54 -9.32
CA LYS B 339 -15.68 26.36 -9.30
C LYS B 339 -16.27 24.96 -9.39
N SER B 340 -15.47 23.96 -9.77
CA SER B 340 -16.03 22.62 -9.90
C SER B 340 -15.31 21.47 -9.23
N GLU B 341 -14.05 21.67 -8.84
CA GLU B 341 -13.28 20.60 -8.22
C GLU B 341 -13.05 19.47 -9.21
N ASN B 342 -13.76 19.51 -10.34
CA ASN B 342 -13.61 18.50 -11.39
C ASN B 342 -12.11 18.41 -11.71
N GLU B 343 -11.75 17.43 -12.51
CA GLU B 343 -10.36 17.27 -12.89
C GLU B 343 -10.30 17.72 -14.35
N SER B 344 -11.19 18.65 -14.66
CA SER B 344 -11.30 19.21 -15.99
C SER B 344 -11.70 20.67 -15.89
N ASN B 345 -11.96 21.10 -14.66
CA ASN B 345 -12.37 22.47 -14.37
C ASN B 345 -11.29 23.49 -14.73
N ILE B 346 -11.65 24.44 -15.58
CA ILE B 346 -10.74 25.49 -16.01
C ILE B 346 -11.29 26.84 -15.57
N ARG B 347 -12.43 26.80 -14.88
CA ARG B 347 -13.10 27.99 -14.38
C ARG B 347 -12.86 28.19 -12.89
N TYR B 348 -12.62 29.45 -12.50
CA TYR B 348 -12.37 29.81 -11.11
C TYR B 348 -13.23 31.00 -10.69
N VAL B 349 -13.11 31.37 -9.42
CA VAL B 349 -13.88 32.49 -8.89
C VAL B 349 -13.27 33.02 -7.60
N SER B 350 -13.20 34.34 -7.49
CA SER B 350 -12.65 35.00 -6.31
C SER B 350 -13.58 36.07 -5.76
N GLU B 351 -13.76 36.06 -4.45
CA GLU B 351 -14.60 37.02 -3.77
C GLU B 351 -13.73 37.99 -2.98
N LEU B 352 -14.27 39.17 -2.68
CA LEU B 352 -13.56 40.19 -1.89
C LEU B 352 -14.60 40.64 -0.87
N HIS B 353 -14.24 40.57 0.41
CA HIS B 353 -15.20 40.96 1.45
C HIS B 353 -14.86 42.29 2.11
N LEU B 354 -15.78 43.23 1.94
CA LEU B 354 -15.65 44.57 2.52
C LEU B 354 -16.68 44.64 3.63
N THR B 355 -16.20 44.59 4.86
CA THR B 355 -17.11 44.61 5.99
C THR B 355 -17.28 46.00 6.59
N ARG B 356 -18.52 46.46 6.72
CA ARG B 356 -18.83 47.76 7.31
C ARG B 356 -18.01 48.96 6.80
N LEU B 357 -18.13 49.28 5.50
CA LEU B 357 -17.41 50.40 4.90
C LEU B 357 -17.38 51.65 5.78
N LYS B 358 -16.48 52.57 5.45
CA LYS B 358 -16.34 53.80 6.24
C LYS B 358 -16.71 55.06 5.48
N GLY B 359 -17.15 54.92 4.23
CA GLY B 359 -17.52 56.09 3.45
C GLY B 359 -16.32 56.77 2.83
N THR B 360 -15.31 57.01 3.64
CA THR B 360 -14.08 57.62 3.15
C THR B 360 -13.32 56.45 2.52
N GLU B 361 -13.90 55.27 2.69
CA GLU B 361 -13.38 54.00 2.20
C GLU B 361 -13.75 53.84 0.72
N GLY B 362 -14.50 54.81 0.21
CA GLY B 362 -14.93 54.78 -1.19
C GLY B 362 -13.75 54.59 -2.13
N GLY B 363 -14.01 54.17 -3.36
CA GLY B 363 -12.93 53.97 -4.29
C GLY B 363 -13.13 52.95 -5.40
N THR B 364 -12.04 52.64 -6.08
CA THR B 364 -12.07 51.70 -7.19
C THR B 364 -11.22 50.46 -6.88
N TYR B 365 -11.87 49.49 -6.25
CA TYR B 365 -11.23 48.23 -5.89
C TYR B 365 -11.01 47.45 -7.17
N THR B 366 -9.83 46.86 -7.30
CA THR B 366 -9.51 46.11 -8.50
C THR B 366 -8.98 44.71 -8.19
N PHE B 367 -9.23 43.79 -9.11
CA PHE B 367 -8.80 42.41 -8.96
C PHE B 367 -7.84 42.01 -10.09
N LEU B 368 -6.70 41.42 -9.72
CA LEU B 368 -5.70 40.98 -10.70
C LEU B 368 -5.34 39.51 -10.53
N VAL B 369 -5.30 38.81 -11.67
CA VAL B 369 -4.97 37.38 -11.73
C VAL B 369 -4.12 37.14 -12.96
N SER B 370 -3.17 36.23 -12.85
CA SER B 370 -2.32 35.98 -14.00
C SER B 370 -1.82 34.55 -14.09
N ASN B 371 -1.36 34.18 -15.27
CA ASN B 371 -0.83 32.85 -15.54
C ASN B 371 0.50 32.97 -16.26
N SER B 372 1.09 31.83 -16.59
CA SER B 372 2.36 31.79 -17.28
C SER B 372 2.34 32.59 -18.58
N ASP B 373 1.14 32.87 -19.10
CA ASP B 373 1.03 33.60 -20.34
C ASP B 373 0.53 35.04 -20.22
N VAL B 374 -0.78 35.19 -20.33
CA VAL B 374 -1.43 36.50 -20.27
C VAL B 374 -1.67 37.01 -18.85
N ASN B 375 -1.75 38.34 -18.73
CA ASN B 375 -2.03 39.01 -17.46
C ASN B 375 -3.41 39.59 -17.66
N ALA B 376 -4.07 39.97 -16.59
CA ALA B 376 -5.39 40.57 -16.73
C ALA B 376 -5.92 41.04 -15.41
N ALA B 377 -7.06 41.73 -15.49
CA ALA B 377 -7.71 42.23 -14.29
C ALA B 377 -9.03 42.84 -14.67
N ILE B 378 -9.79 43.26 -13.67
CA ILE B 378 -11.07 43.87 -13.87
C ILE B 378 -11.27 44.79 -12.67
N ALA B 379 -11.74 46.01 -12.91
CA ALA B 379 -11.91 46.95 -11.81
C ALA B 379 -13.34 47.21 -11.35
N PHE B 380 -13.46 47.54 -10.07
CA PHE B 380 -14.74 47.83 -9.46
C PHE B 380 -14.75 49.24 -8.87
N ASN B 381 -15.87 49.93 -9.02
CA ASN B 381 -16.01 51.27 -8.47
C ASN B 381 -17.10 51.24 -7.40
N VAL B 382 -16.64 51.28 -6.16
CA VAL B 382 -17.51 51.23 -4.99
C VAL B 382 -17.87 52.61 -4.46
N TYR B 383 -18.99 53.15 -4.90
CA TYR B 383 -19.40 54.46 -4.41
C TYR B 383 -20.18 54.30 -3.11
N VAL B 384 -19.61 54.75 -2.00
CA VAL B 384 -20.28 54.65 -0.72
C VAL B 384 -21.09 55.93 -0.46
N ASN B 385 -22.31 55.78 0.03
CA ASN B 385 -23.21 56.91 0.32
C ASN B 385 -23.08 57.46 1.74
N THR B 386 -23.57 58.67 1.96
CA THR B 386 -23.52 59.31 3.28
C THR B 386 -24.68 60.27 3.57
N LYS B 387 -24.97 60.46 4.86
CA LYS B 387 -26.02 61.36 5.27
C LYS B 387 -25.37 62.74 5.28
N PRO B 388 -26.05 63.73 4.71
CA PRO B 388 -25.57 65.12 4.62
C PRO B 388 -25.08 65.68 5.94
N GLU B 389 -24.09 66.57 5.85
CA GLU B 389 -23.51 67.18 7.01
C GLU B 389 -23.59 68.68 6.78
N ILE B 390 -24.12 69.42 7.75
CA ILE B 390 -24.23 70.87 7.62
C ILE B 390 -22.88 71.52 7.91
N LEU B 391 -21.98 71.39 6.95
CA LEU B 391 -20.63 71.92 7.03
C LEU B 391 -20.49 73.37 7.48
N THR B 392 -21.46 74.21 7.16
CA THR B 392 -21.38 75.61 7.55
C THR B 392 -22.67 76.40 7.34
N TYR B 393 -23.29 76.81 8.45
CA TYR B 393 -24.52 77.59 8.41
C TYR B 393 -24.29 78.97 9.00
N ASP B 394 -23.74 79.87 8.20
CA ASP B 394 -23.48 81.23 8.65
C ASP B 394 -24.66 82.12 8.33
N ARG B 395 -24.43 83.43 8.43
CA ARG B 395 -25.43 84.43 8.14
C ARG B 395 -24.80 85.34 7.10
N LEU B 396 -25.42 85.44 5.92
CA LEU B 396 -24.85 86.27 4.87
C LEU B 396 -24.67 87.72 5.36
N VAL B 397 -24.31 88.60 4.44
CA VAL B 397 -24.11 90.00 4.77
C VAL B 397 -25.44 90.71 4.98
N ASN B 398 -25.88 91.44 3.97
CA ASN B 398 -27.13 92.17 4.07
C ASN B 398 -28.29 91.41 3.45
N GLY B 399 -29.19 90.94 4.31
CA GLY B 399 -30.36 90.25 3.81
C GLY B 399 -30.64 88.77 3.95
N MET B 400 -29.64 87.90 3.96
CA MET B 400 -29.99 86.48 4.01
C MET B 400 -29.15 85.52 4.82
N LEU B 401 -29.56 84.25 4.79
CA LEU B 401 -28.87 83.19 5.51
C LEU B 401 -28.41 82.13 4.54
N GLN B 402 -27.17 81.68 4.71
CA GLN B 402 -26.61 80.68 3.85
C GLN B 402 -26.39 79.43 4.68
N CYS B 403 -26.50 78.30 4.03
CA CYS B 403 -26.32 77.04 4.70
C CYS B 403 -25.81 76.00 3.71
N VAL B 404 -24.60 75.49 3.97
CA VAL B 404 -23.98 74.50 3.11
C VAL B 404 -23.95 73.14 3.78
N ALA B 405 -24.22 72.10 2.99
CA ALA B 405 -24.21 70.75 3.53
C ALA B 405 -23.51 69.85 2.53
N ALA B 406 -22.78 68.87 3.04
CA ALA B 406 -22.04 67.97 2.19
C ALA B 406 -22.53 66.56 2.41
N GLY B 407 -22.66 65.81 1.32
CA GLY B 407 -23.11 64.44 1.41
C GLY B 407 -22.98 63.77 0.05
N PHE B 408 -23.39 62.50 -0.01
CA PHE B 408 -23.33 61.74 -1.25
C PHE B 408 -24.44 60.72 -1.28
N PRO B 409 -25.25 60.72 -2.34
CA PRO B 409 -25.14 61.67 -3.46
C PRO B 409 -25.60 63.08 -3.10
N GLU B 410 -26.04 63.82 -4.10
CA GLU B 410 -26.51 65.19 -3.94
C GLU B 410 -27.41 65.45 -2.73
N PRO B 411 -26.95 66.26 -1.79
CA PRO B 411 -27.77 66.54 -0.61
C PRO B 411 -28.84 67.55 -1.02
N THR B 412 -30.11 67.23 -0.78
CA THR B 412 -31.19 68.15 -1.14
C THR B 412 -31.33 69.18 -0.02
N ILE B 413 -31.32 70.46 -0.38
CA ILE B 413 -31.47 71.51 0.63
C ILE B 413 -32.85 72.15 0.55
N ASP B 414 -33.69 71.84 1.52
CA ASP B 414 -35.03 72.40 1.56
C ASP B 414 -35.06 73.34 2.76
N TRP B 415 -35.88 74.39 2.68
CA TRP B 415 -35.97 75.37 3.76
C TRP B 415 -37.31 75.45 4.46
N TYR B 416 -37.28 75.64 5.77
CA TYR B 416 -38.48 75.77 6.59
C TYR B 416 -38.43 77.19 7.13
N PHE B 417 -39.57 77.74 7.57
CA PHE B 417 -39.56 79.10 8.07
C PHE B 417 -40.28 79.32 9.41
N CYS B 418 -41.58 79.03 9.44
CA CYS B 418 -42.41 79.22 10.64
C CYS B 418 -41.69 79.06 11.97
N PRO B 419 -42.08 79.91 12.93
CA PRO B 419 -41.51 79.91 14.27
C PRO B 419 -41.57 78.53 14.90
N GLY B 420 -40.71 78.29 15.90
CA GLY B 420 -40.66 77.01 16.60
C GLY B 420 -40.63 77.21 18.11
N CYS B 425 -42.01 71.76 17.23
CA CYS B 425 -43.35 72.11 16.77
C CYS B 425 -43.33 73.42 15.99
N SER B 426 -43.19 73.30 14.67
CA SER B 426 -43.14 74.47 13.80
C SER B 426 -43.73 74.12 12.43
N ALA B 427 -44.11 75.15 11.67
CA ALA B 427 -44.67 74.95 10.34
C ALA B 427 -43.58 75.17 9.29
N SER B 428 -43.90 74.90 8.03
CA SER B 428 -42.91 75.06 6.97
C SER B 428 -43.33 76.02 5.87
N VAL B 429 -42.38 76.81 5.39
CA VAL B 429 -42.60 77.76 4.32
C VAL B 429 -41.39 77.65 3.40
N LEU B 430 -41.61 77.68 2.09
CA LEU B 430 -40.50 77.53 1.14
C LEU B 430 -40.12 78.78 0.33
N PRO B 431 -38.98 78.67 -0.35
CA PRO B 431 -38.41 79.71 -1.20
C PRO B 431 -36.94 79.36 -1.35
N VAL B 432 -36.40 79.41 -2.57
CA VAL B 432 -35.00 79.07 -2.77
C VAL B 432 -34.29 80.08 -3.66
N ASP B 433 -33.11 80.52 -3.24
CA ASP B 433 -32.34 81.53 -3.99
C ASP B 433 -31.11 81.00 -4.74
N VAL B 434 -29.93 81.43 -4.31
CA VAL B 434 -28.67 81.03 -4.93
C VAL B 434 -28.24 79.63 -4.47
N GLN B 435 -28.49 78.64 -5.32
CA GLN B 435 -28.14 77.26 -5.00
C GLN B 435 -27.16 76.70 -6.03
N THR B 436 -25.88 76.63 -5.66
CA THR B 436 -24.84 76.13 -6.56
C THR B 436 -23.86 75.18 -5.86
N LEU B 437 -23.76 73.96 -6.38
CA LEU B 437 -22.85 72.98 -5.79
C LEU B 437 -21.51 72.99 -6.52
N ASN B 438 -20.48 73.55 -5.87
CA ASN B 438 -19.15 73.63 -6.47
C ASN B 438 -18.19 72.58 -5.90
N SER B 439 -17.64 71.73 -6.76
CA SER B 439 -16.73 70.68 -6.28
C SER B 439 -16.08 69.79 -7.35
N SER B 440 -16.39 70.00 -8.62
CA SER B 440 -15.83 69.18 -9.72
C SER B 440 -14.44 68.58 -9.45
N GLY B 441 -13.51 69.41 -8.99
CA GLY B 441 -12.13 69.01 -8.69
C GLY B 441 -11.64 67.57 -8.65
N PRO B 442 -11.29 67.04 -7.45
CA PRO B 442 -10.78 65.69 -7.17
C PRO B 442 -11.67 64.50 -7.51
N PRO B 443 -11.24 63.28 -7.16
CA PRO B 443 -11.94 62.01 -7.40
C PRO B 443 -13.19 61.69 -6.56
N PHE B 444 -13.39 60.39 -6.31
CA PHE B 444 -14.52 59.85 -5.56
C PHE B 444 -14.72 60.43 -4.17
N GLY B 445 -15.34 61.61 -4.11
CA GLY B 445 -15.58 62.27 -2.84
C GLY B 445 -17.04 62.59 -2.64
N LYS B 446 -17.32 63.40 -1.61
CA LYS B 446 -18.69 63.80 -1.30
C LYS B 446 -18.97 65.14 -1.96
N LEU B 447 -20.20 65.33 -2.43
CA LEU B 447 -20.57 66.58 -3.07
C LEU B 447 -21.11 67.59 -2.06
N VAL B 448 -20.64 68.84 -2.16
CA VAL B 448 -21.08 69.91 -1.26
C VAL B 448 -22.04 70.85 -1.98
N VAL B 449 -23.08 71.28 -1.27
CA VAL B 449 -24.06 72.17 -1.85
C VAL B 449 -24.23 73.42 -0.98
N GLN B 450 -24.31 74.56 -1.65
CA GLN B 450 -24.46 75.83 -0.98
C GLN B 450 -25.72 76.55 -1.43
N SER B 451 -26.75 76.54 -0.58
CA SER B 451 -27.97 77.23 -0.95
C SER B 451 -28.38 78.18 0.19
N SER B 452 -28.86 79.36 -0.20
CA SER B 452 -29.28 80.38 0.74
C SER B 452 -30.65 80.89 0.36
N ILE B 453 -31.17 81.81 1.15
CA ILE B 453 -32.47 82.39 0.89
C ILE B 453 -32.64 83.74 1.59
N ASP B 454 -33.15 84.72 0.84
CA ASP B 454 -33.34 86.08 1.34
C ASP B 454 -34.22 86.20 2.58
N SER B 455 -33.99 87.24 3.38
CA SER B 455 -34.75 87.47 4.60
C SER B 455 -35.50 88.80 4.64
N SER B 456 -36.60 88.89 3.91
CA SER B 456 -37.43 90.09 3.91
C SER B 456 -38.80 89.56 4.31
N ALA B 457 -38.97 89.40 5.62
CA ALA B 457 -40.20 88.85 6.15
C ALA B 457 -41.18 89.89 6.70
N PHE B 458 -42.45 89.66 6.41
CA PHE B 458 -43.53 90.53 6.88
C PHE B 458 -44.04 89.94 8.20
N LYS B 459 -43.11 89.30 8.92
CA LYS B 459 -43.39 88.67 10.21
C LYS B 459 -42.05 88.47 10.90
N HIS B 460 -42.05 88.43 12.23
CA HIS B 460 -40.80 88.25 12.98
C HIS B 460 -40.97 87.40 14.23
N ASN B 461 -39.90 87.29 15.01
CA ASN B 461 -39.89 86.52 16.25
C ASN B 461 -40.09 85.02 16.01
N GLY B 462 -39.26 84.44 15.15
CA GLY B 462 -39.35 83.02 14.86
C GLY B 462 -38.00 82.36 14.70
N THR B 463 -37.98 81.14 14.16
CA THR B 463 -36.74 80.39 13.93
C THR B 463 -36.82 79.66 12.60
N VAL B 464 -35.77 79.78 11.81
CA VAL B 464 -35.71 79.13 10.50
C VAL B 464 -34.84 77.91 10.57
N GLU B 465 -35.15 76.90 9.76
CA GLU B 465 -34.34 75.69 9.74
C GLU B 465 -33.90 75.27 8.35
N CYS B 466 -32.65 74.85 8.28
CA CYS B 466 -32.05 74.42 7.04
C CYS B 466 -32.07 72.90 7.05
N LYS B 467 -32.66 72.31 6.01
CA LYS B 467 -32.74 70.85 5.90
C LYS B 467 -32.01 70.30 4.68
N ALA B 468 -31.08 69.38 4.96
CA ALA B 468 -30.30 68.73 3.92
C ALA B 468 -30.75 67.30 3.86
N TYR B 469 -31.43 66.95 2.78
CA TYR B 469 -31.95 65.61 2.58
C TYR B 469 -31.06 64.76 1.68
N ASN B 470 -31.14 63.45 1.90
CA ASN B 470 -30.38 62.48 1.12
C ASN B 470 -31.04 61.13 1.35
N ASP B 471 -31.09 60.31 0.30
CA ASP B 471 -31.71 58.99 0.37
C ASP B 471 -31.27 58.17 1.59
N VAL B 472 -30.14 58.54 2.20
CA VAL B 472 -29.61 57.85 3.37
C VAL B 472 -30.18 58.40 4.66
N GLY B 473 -30.11 59.72 4.80
CA GLY B 473 -30.62 60.36 6.01
C GLY B 473 -30.88 61.85 5.88
N LYS B 474 -30.99 62.51 7.03
CA LYS B 474 -31.26 63.94 7.06
C LYS B 474 -30.62 64.59 8.27
N THR B 475 -30.24 65.85 8.09
CA THR B 475 -29.62 66.65 9.14
C THR B 475 -30.13 68.07 8.97
N SER B 476 -29.99 68.89 10.00
CA SER B 476 -30.47 70.26 9.93
C SER B 476 -29.91 71.17 11.01
N ALA B 477 -30.01 72.47 10.79
CA ALA B 477 -29.54 73.46 11.73
C ALA B 477 -30.61 74.53 11.82
N TYR B 478 -30.72 75.18 12.97
CA TYR B 478 -31.72 76.22 13.14
C TYR B 478 -31.11 77.62 13.27
N PHE B 479 -31.79 78.62 12.71
CA PHE B 479 -31.32 80.01 12.76
C PHE B 479 -32.29 80.83 13.60
N ASN B 480 -32.14 82.15 13.55
CA ASN B 480 -33.01 83.04 14.31
C ASN B 480 -33.36 84.37 13.64
N PHE B 481 -34.35 85.04 14.20
CA PHE B 481 -34.81 86.32 13.70
C PHE B 481 -35.45 87.02 14.91
N ALA B 482 -35.85 88.29 14.73
CA ALA B 482 -36.48 89.05 15.81
C ALA B 482 -36.86 90.45 15.33
N GLY C 2 8.93 -24.19 28.56
CA GLY C 2 8.62 -22.73 28.62
C GLY C 2 9.92 -21.99 28.38
N ILE C 3 11.01 -22.74 28.25
CA ILE C 3 12.31 -22.15 28.01
C ILE C 3 12.58 -22.14 26.51
N CYS C 4 13.24 -21.09 26.03
CA CYS C 4 13.55 -20.96 24.60
C CYS C 4 12.36 -20.64 23.76
N ARG C 5 11.18 -20.61 24.37
CA ARG C 5 10.00 -20.32 23.63
C ARG C 5 10.19 -18.95 22.97
N ASN C 6 11.03 -18.10 23.57
CA ASN C 6 11.24 -16.77 23.02
C ASN C 6 12.15 -16.71 21.80
N ARG C 7 12.88 -17.79 21.57
CA ARG C 7 13.82 -17.87 20.46
C ARG C 7 13.11 -18.11 19.11
N VAL C 8 11.88 -18.61 19.16
CA VAL C 8 11.12 -18.91 17.93
C VAL C 8 10.34 -17.71 17.44
N THR C 9 10.93 -16.95 16.52
CA THR C 9 10.28 -15.77 15.96
C THR C 9 9.06 -16.23 15.24
N ASN C 10 8.12 -15.32 14.99
CA ASN C 10 6.91 -15.73 14.31
C ASN C 10 6.97 -15.74 12.77
N ASN C 11 8.15 -15.95 12.21
CA ASN C 11 8.19 -16.06 10.77
C ASN C 11 7.65 -17.48 10.55
N VAL C 12 7.35 -18.17 11.64
CA VAL C 12 6.88 -19.54 11.52
C VAL C 12 5.57 -19.52 10.81
N LYS C 13 4.90 -18.38 10.89
CA LYS C 13 3.61 -18.24 10.28
C LYS C 13 3.60 -18.39 8.75
N ASP C 14 4.73 -18.13 8.12
CA ASP C 14 4.79 -18.21 6.67
C ASP C 14 5.12 -19.61 6.17
N VAL C 15 4.94 -20.62 7.00
CA VAL C 15 5.25 -21.93 6.50
C VAL C 15 4.19 -22.41 5.50
N THR C 16 2.91 -22.18 5.80
CA THR C 16 1.82 -22.62 4.91
C THR C 16 1.98 -22.11 3.49
N LYS C 17 2.37 -20.85 3.32
CA LYS C 17 2.59 -20.29 1.99
C LYS C 17 3.74 -21.05 1.31
N LEU C 18 4.87 -21.12 2.02
CA LEU C 18 6.03 -21.79 1.49
C LEU C 18 5.63 -23.19 1.04
N VAL C 19 4.71 -23.82 1.75
CA VAL C 19 4.33 -25.18 1.39
C VAL C 19 3.54 -25.19 0.09
N ALA C 20 2.70 -24.17 -0.07
CA ALA C 20 1.86 -24.00 -1.23
C ALA C 20 2.76 -23.73 -2.40
N ASN C 21 3.91 -23.13 -2.14
CA ASN C 21 4.81 -22.86 -3.22
C ASN C 21 5.83 -23.93 -3.48
N LEU C 22 5.56 -25.11 -2.97
CA LEU C 22 6.47 -26.19 -3.20
C LEU C 22 5.73 -27.27 -4.01
N PRO C 23 6.37 -27.77 -5.07
CA PRO C 23 5.71 -28.81 -5.86
C PRO C 23 5.28 -30.01 -5.02
N LYS C 24 3.98 -30.27 -5.03
CA LYS C 24 3.41 -31.37 -4.29
C LYS C 24 4.20 -32.66 -4.46
N ASP C 25 5.08 -32.72 -5.45
CA ASP C 25 5.79 -33.98 -5.67
C ASP C 25 7.27 -33.95 -5.37
N TYR C 26 7.73 -32.79 -4.91
CA TYR C 26 9.13 -32.57 -4.58
C TYR C 26 9.47 -33.28 -3.25
N MET C 27 10.24 -34.36 -3.32
CA MET C 27 10.56 -35.07 -2.09
C MET C 27 11.79 -34.53 -1.36
N ILE C 28 11.54 -34.07 -0.15
CA ILE C 28 12.55 -33.50 0.74
C ILE C 28 13.13 -34.58 1.66
N THR C 29 14.41 -34.45 2.03
CA THR C 29 15.02 -35.45 2.91
C THR C 29 15.23 -35.05 4.37
N LEU C 30 14.77 -35.91 5.27
CA LEU C 30 14.92 -35.68 6.71
C LEU C 30 15.44 -36.91 7.39
N LYS C 31 16.25 -36.74 8.41
CA LYS C 31 16.74 -37.87 9.16
C LYS C 31 15.74 -37.98 10.30
N TYR C 32 14.61 -38.59 9.97
CA TYR C 32 13.52 -38.75 10.90
C TYR C 32 13.89 -39.60 12.11
N VAL C 33 13.81 -38.96 13.26
CA VAL C 33 14.08 -39.62 14.54
C VAL C 33 12.81 -40.43 14.82
N PRO C 34 12.92 -41.76 14.83
CA PRO C 34 11.83 -42.72 15.07
C PRO C 34 10.79 -42.37 16.12
N GLY C 35 9.57 -42.83 15.85
CA GLY C 35 8.45 -42.64 16.75
C GLY C 35 8.18 -41.28 17.38
N MET C 36 8.91 -40.25 17.00
CA MET C 36 8.66 -38.94 17.60
C MET C 36 7.18 -38.58 17.56
N ASP C 37 6.58 -38.69 16.38
CA ASP C 37 5.16 -38.37 16.18
C ASP C 37 4.27 -39.00 17.25
N VAL C 38 4.82 -39.96 17.99
CA VAL C 38 4.06 -40.63 19.03
C VAL C 38 4.36 -40.02 20.39
N LEU C 39 5.57 -40.21 20.87
CA LEU C 39 5.97 -39.64 22.15
C LEU C 39 7.37 -40.08 22.59
N PRO C 40 7.93 -39.37 23.59
CA PRO C 40 7.29 -38.24 24.27
C PRO C 40 7.54 -36.97 23.47
N SER C 41 8.24 -36.02 24.07
CA SER C 41 8.55 -34.74 23.42
C SER C 41 9.92 -34.24 23.80
N HIS C 42 10.73 -35.09 24.42
CA HIS C 42 12.06 -34.71 24.87
C HIS C 42 13.06 -35.80 24.50
N CYS C 43 12.56 -36.91 24.00
CA CYS C 43 13.42 -38.03 23.61
C CYS C 43 14.07 -37.75 22.28
N TRP C 44 13.54 -36.77 21.57
CA TRP C 44 14.06 -36.44 20.26
C TRP C 44 14.36 -34.97 20.04
N ILE C 45 13.45 -34.12 20.45
CA ILE C 45 13.61 -32.69 20.28
C ILE C 45 15.02 -32.25 19.91
N SER C 46 16.02 -32.58 20.72
CA SER C 46 17.36 -32.13 20.38
C SER C 46 17.76 -32.53 18.97
N GLU C 47 17.89 -33.84 18.75
CA GLU C 47 18.26 -34.39 17.46
C GLU C 47 17.44 -33.77 16.33
N MET C 48 16.13 -33.98 16.37
CA MET C 48 15.28 -33.42 15.34
C MET C 48 15.52 -31.93 15.10
N VAL C 49 15.88 -31.21 16.14
CA VAL C 49 16.10 -29.81 15.93
C VAL C 49 17.34 -29.57 15.11
N VAL C 50 18.40 -30.33 15.39
CA VAL C 50 19.62 -30.17 14.61
C VAL C 50 19.38 -30.59 13.16
N GLN C 51 18.71 -31.73 12.99
CA GLN C 51 18.40 -32.25 11.67
C GLN C 51 17.61 -31.24 10.86
N LEU C 52 16.44 -30.86 11.36
CA LEU C 52 15.65 -29.88 10.64
C LEU C 52 16.55 -28.77 10.11
N SER C 53 17.57 -28.42 10.87
CA SER C 53 18.47 -27.39 10.39
C SER C 53 19.17 -27.88 9.13
N ASP C 54 19.79 -29.06 9.17
CA ASP C 54 20.46 -29.51 7.97
C ASP C 54 19.42 -29.42 6.88
N SER C 55 18.41 -30.27 6.95
CA SER C 55 17.31 -30.28 5.99
C SER C 55 17.00 -28.87 5.49
N LEU C 56 16.48 -28.04 6.39
CA LEU C 56 16.12 -26.69 5.98
C LEU C 56 17.25 -26.01 5.22
N THR C 57 18.44 -26.02 5.79
CA THR C 57 19.59 -25.37 5.19
C THR C 57 19.90 -25.70 3.75
N ASP C 58 19.81 -26.97 3.39
CA ASP C 58 20.06 -27.37 2.01
C ASP C 58 18.86 -26.93 1.19
N LEU C 59 17.69 -27.43 1.56
CA LEU C 59 16.51 -27.05 0.83
C LEU C 59 16.63 -25.56 0.49
N LEU C 60 17.24 -24.77 1.38
CA LEU C 60 17.39 -23.33 1.14
C LEU C 60 18.27 -22.96 -0.02
N ASP C 61 19.21 -23.82 -0.39
CA ASP C 61 20.08 -23.44 -1.49
C ASP C 61 19.39 -23.62 -2.81
N LYS C 62 18.37 -24.49 -2.82
CA LYS C 62 17.65 -24.78 -4.05
C LYS C 62 16.81 -23.62 -4.57
N PHE C 63 16.98 -22.44 -4.01
CA PHE C 63 16.21 -21.30 -4.47
C PHE C 63 17.08 -20.08 -4.52
N SER C 64 16.63 -19.09 -5.26
CA SER C 64 17.38 -17.84 -5.38
C SER C 64 16.51 -16.76 -4.79
N ASN C 65 17.14 -15.64 -4.49
CA ASN C 65 16.43 -14.53 -3.87
C ASN C 65 15.57 -13.66 -4.79
N ILE C 66 14.37 -13.33 -4.34
CA ILE C 66 13.48 -12.48 -5.11
C ILE C 66 13.29 -11.16 -4.38
N SER C 67 13.63 -10.10 -5.09
CA SER C 67 13.53 -8.74 -4.58
C SER C 67 12.10 -8.47 -4.15
N GLU C 68 11.25 -8.11 -5.10
CA GLU C 68 9.85 -7.80 -4.82
C GLU C 68 9.04 -9.05 -4.52
N GLY C 69 8.46 -9.09 -3.32
CA GLY C 69 7.63 -10.22 -2.90
C GLY C 69 8.29 -11.14 -1.90
N LEU C 70 7.62 -12.26 -1.59
CA LEU C 70 8.15 -13.24 -0.66
C LEU C 70 8.65 -14.48 -1.36
N SER C 71 9.97 -14.63 -1.40
CA SER C 71 10.58 -15.78 -2.03
C SER C 71 10.54 -16.91 -1.05
N ASN C 72 10.56 -18.13 -1.55
CA ASN C 72 10.56 -19.25 -0.64
C ASN C 72 11.94 -19.19 -0.02
N TYR C 73 12.84 -18.50 -0.71
CA TYR C 73 14.18 -18.38 -0.22
C TYR C 73 14.12 -17.67 1.11
N SER C 74 13.59 -16.45 1.11
CA SER C 74 13.48 -15.73 2.36
C SER C 74 12.83 -16.61 3.41
N ILE C 75 11.57 -16.99 3.16
CA ILE C 75 10.84 -17.84 4.10
C ILE C 75 11.76 -18.92 4.73
N ILE C 76 12.37 -19.76 3.90
CA ILE C 76 13.25 -20.81 4.39
C ILE C 76 14.33 -20.20 5.23
N ASP C 77 15.04 -19.21 4.67
CA ASP C 77 16.14 -18.52 5.37
C ASP C 77 15.71 -18.28 6.81
N LYS C 78 14.68 -17.47 7.02
CA LYS C 78 14.19 -17.24 8.37
C LYS C 78 13.75 -18.53 9.09
N LEU C 79 13.29 -19.56 8.40
CA LEU C 79 12.99 -20.74 9.18
C LEU C 79 14.32 -21.21 9.71
N VAL C 80 15.33 -21.18 8.85
CA VAL C 80 16.64 -21.63 9.25
C VAL C 80 17.18 -20.83 10.42
N ASN C 81 17.06 -19.52 10.35
CA ASN C 81 17.54 -18.75 11.49
C ASN C 81 16.97 -19.33 12.78
N ILE C 82 15.69 -19.70 12.77
CA ILE C 82 15.09 -20.24 13.97
C ILE C 82 15.64 -21.58 14.42
N VAL C 83 15.46 -22.61 13.61
CA VAL C 83 15.94 -23.92 14.02
C VAL C 83 17.38 -23.89 14.48
N ASP C 84 18.13 -22.85 14.12
CA ASP C 84 19.52 -22.82 14.57
C ASP C 84 19.53 -22.31 15.99
N ASP C 85 18.90 -21.16 16.23
CA ASP C 85 18.82 -20.60 17.56
C ASP C 85 18.30 -21.64 18.55
N LEU C 86 17.41 -22.53 18.10
CA LEU C 86 16.92 -23.56 18.98
C LEU C 86 18.06 -24.52 19.25
N VAL C 87 18.67 -25.00 18.18
CA VAL C 87 19.78 -25.91 18.31
C VAL C 87 20.70 -25.39 19.37
N GLU C 88 20.78 -24.08 19.47
CA GLU C 88 21.66 -23.48 20.45
C GLU C 88 21.04 -23.44 21.83
N CYS C 89 20.04 -22.58 22.05
CA CYS C 89 19.41 -22.46 23.37
C CYS C 89 19.29 -23.84 24.01
N VAL C 90 19.03 -24.86 23.22
CA VAL C 90 18.91 -26.19 23.76
C VAL C 90 20.27 -26.70 24.19
N LYS C 91 21.25 -26.70 23.30
CA LYS C 91 22.56 -27.21 23.68
C LYS C 91 23.31 -26.19 24.55
N GLU C 92 22.56 -25.26 25.13
CA GLU C 92 23.11 -24.22 26.00
C GLU C 92 22.32 -24.20 27.30
N ASN C 93 21.19 -24.88 27.31
CA ASN C 93 20.32 -24.94 28.47
C ASN C 93 20.21 -26.35 28.99
N SER C 94 19.82 -27.28 28.13
CA SER C 94 19.72 -28.68 28.55
C SER C 94 21.16 -29.07 28.88
N SER C 95 22.09 -28.52 28.09
CA SER C 95 23.50 -28.77 28.27
C SER C 95 23.78 -30.21 28.69
N LYS C 100 25.25 -38.55 25.93
CA LYS C 100 24.50 -39.16 24.83
C LYS C 100 25.44 -39.70 23.75
N SER C 101 25.08 -40.85 23.20
CA SER C 101 25.87 -41.45 22.14
C SER C 101 25.22 -41.01 20.84
N PHE C 102 25.90 -40.15 20.09
CA PHE C 102 25.38 -39.61 18.84
C PHE C 102 25.31 -40.57 17.63
N LYS C 103 24.21 -41.32 17.53
CA LYS C 103 23.99 -42.24 16.42
C LYS C 103 22.82 -41.67 15.63
N SER C 104 23.11 -41.15 14.43
CA SER C 104 22.11 -40.52 13.56
C SER C 104 21.08 -41.41 12.87
N PRO C 105 19.82 -40.95 12.80
CA PRO C 105 18.70 -41.67 12.19
C PRO C 105 18.95 -41.87 10.71
N GLU C 106 18.25 -42.83 10.13
CA GLU C 106 18.37 -43.10 8.68
C GLU C 106 17.61 -42.02 7.94
N PRO C 107 18.10 -41.61 6.74
CA PRO C 107 17.46 -40.59 5.94
C PRO C 107 16.14 -41.07 5.35
N ARG C 108 15.16 -40.18 5.31
CA ARG C 108 13.85 -40.52 4.79
C ARG C 108 13.31 -39.38 3.94
N LEU C 109 12.45 -39.73 3.00
CA LEU C 109 11.87 -38.75 2.10
C LEU C 109 10.49 -38.31 2.54
N PHE C 110 10.18 -37.04 2.32
CA PHE C 110 8.88 -36.52 2.73
C PHE C 110 8.46 -35.46 1.74
N THR C 111 7.16 -35.42 1.47
CA THR C 111 6.64 -34.40 0.59
C THR C 111 6.84 -33.12 1.39
N PRO C 112 6.70 -31.96 0.75
CA PRO C 112 6.90 -30.77 1.56
C PRO C 112 5.87 -30.65 2.68
N GLU C 113 4.73 -31.32 2.54
CA GLU C 113 3.74 -31.21 3.59
C GLU C 113 4.16 -32.02 4.81
N GLU C 114 4.29 -33.33 4.63
CA GLU C 114 4.69 -34.17 5.75
C GLU C 114 5.92 -33.53 6.39
N PHE C 115 6.93 -33.23 5.58
CA PHE C 115 8.15 -32.60 6.07
C PHE C 115 7.83 -31.44 6.97
N PHE C 116 7.23 -30.40 6.41
CA PHE C 116 6.92 -29.26 7.23
C PHE C 116 5.91 -29.53 8.31
N ARG C 117 5.21 -30.67 8.20
CA ARG C 117 4.24 -31.05 9.21
C ARG C 117 5.10 -31.32 10.47
N ILE C 118 6.15 -32.11 10.25
CA ILE C 118 7.11 -32.40 11.29
C ILE C 118 7.72 -31.08 11.77
N PHE C 119 8.33 -30.35 10.86
CA PHE C 119 8.92 -29.07 11.23
C PHE C 119 8.06 -28.33 12.24
N ASN C 120 6.79 -28.22 11.92
CA ASN C 120 5.90 -27.53 12.78
C ASN C 120 5.81 -28.20 14.15
N ARG C 121 5.57 -29.50 14.16
CA ARG C 121 5.45 -30.23 15.41
C ARG C 121 6.68 -29.98 16.28
N SER C 122 7.85 -29.91 15.66
CA SER C 122 9.09 -29.65 16.39
C SER C 122 9.11 -28.26 17.03
N ILE C 123 8.65 -27.22 16.33
CA ILE C 123 8.67 -25.93 16.96
C ILE C 123 7.72 -25.91 18.14
N ASP C 124 6.80 -26.86 18.18
CA ASP C 124 5.83 -26.91 19.27
C ASP C 124 6.42 -27.64 20.46
N ALA C 125 7.46 -28.43 20.21
CA ALA C 125 8.07 -29.16 21.29
C ALA C 125 8.60 -28.19 22.32
N PHE C 126 8.54 -26.90 22.01
CA PHE C 126 8.98 -25.89 22.95
C PHE C 126 7.74 -25.25 23.52
N LYS C 127 7.85 -24.06 24.09
CA LYS C 127 6.66 -23.44 24.68
C LYS C 127 6.31 -24.24 25.93
N ASP C 128 6.94 -25.40 26.05
CA ASP C 128 6.75 -26.30 27.17
C ASP C 128 7.98 -27.21 27.27
N PHE C 129 9.17 -26.63 27.05
CA PHE C 129 10.42 -27.40 27.09
C PHE C 129 11.15 -27.31 28.42
N VAL C 130 11.62 -28.46 28.89
CA VAL C 130 12.33 -28.57 30.15
C VAL C 130 13.84 -28.45 29.98
N VAL C 131 14.58 -28.70 31.05
CA VAL C 131 16.04 -28.63 31.02
C VAL C 131 16.63 -29.99 31.35
N THR C 135 14.32 -40.45 29.75
CA THR C 135 14.51 -41.15 28.49
C THR C 135 14.00 -42.58 28.59
N SER C 136 13.16 -42.83 29.60
CA SER C 136 12.61 -44.15 29.83
C SER C 136 11.36 -44.37 28.99
N ASP C 137 10.58 -43.32 28.81
CA ASP C 137 9.37 -43.43 28.03
C ASP C 137 9.74 -43.63 26.57
N CYS C 138 10.99 -43.32 26.22
CA CYS C 138 11.45 -43.51 24.84
C CYS C 138 11.48 -45.02 24.75
N VAL C 139 10.30 -45.62 24.58
CA VAL C 139 10.18 -47.06 24.54
C VAL C 139 9.73 -47.67 23.21
N VAL C 140 9.10 -48.84 23.32
CA VAL C 140 8.59 -49.64 22.22
C VAL C 140 9.55 -50.79 21.96
N ILE D 3 1.73 -11.70 -36.16
CA ILE D 3 0.45 -12.47 -35.99
C ILE D 3 0.43 -13.21 -34.66
N CYS D 4 -0.74 -13.23 -33.99
CA CYS D 4 -0.91 -13.89 -32.69
C CYS D 4 -0.13 -13.21 -31.58
N ARG D 5 0.91 -12.46 -31.95
CA ARG D 5 1.70 -11.78 -30.95
C ARG D 5 0.80 -11.05 -29.98
N ASN D 6 -0.37 -10.60 -30.43
CA ASN D 6 -1.24 -9.89 -29.50
C ASN D 6 -1.92 -10.85 -28.53
N ARG D 7 -1.90 -12.12 -28.87
CA ARG D 7 -2.52 -13.14 -28.06
C ARG D 7 -1.70 -13.35 -26.77
N VAL D 8 -0.38 -13.14 -26.85
CA VAL D 8 0.50 -13.33 -25.69
C VAL D 8 0.51 -12.15 -24.75
N THR D 9 -0.15 -12.29 -23.59
CA THR D 9 -0.21 -11.20 -22.59
C THR D 9 1.09 -11.11 -21.81
N ASN D 10 1.30 -9.99 -21.12
CA ASN D 10 2.55 -9.82 -20.39
C ASN D 10 2.68 -10.56 -19.06
N ASN D 11 1.72 -11.39 -18.73
CA ASN D 11 1.83 -12.15 -17.51
C ASN D 11 3.06 -13.05 -17.72
N VAL D 12 3.84 -12.76 -18.75
CA VAL D 12 5.04 -13.53 -19.06
C VAL D 12 6.22 -13.03 -18.29
N LYS D 13 6.22 -11.74 -18.04
CA LYS D 13 7.31 -11.12 -17.33
C LYS D 13 7.58 -11.88 -16.04
N ASP D 14 6.51 -12.32 -15.42
CA ASP D 14 6.59 -13.03 -14.16
C ASP D 14 7.21 -14.42 -14.27
N VAL D 15 8.06 -14.63 -15.26
CA VAL D 15 8.67 -15.94 -15.42
C VAL D 15 9.92 -16.05 -14.58
N THR D 16 10.72 -14.98 -14.60
CA THR D 16 11.97 -14.92 -13.84
C THR D 16 11.73 -15.22 -12.37
N LYS D 17 10.54 -14.85 -11.88
CA LYS D 17 10.15 -15.10 -10.49
C LYS D 17 9.80 -16.59 -10.31
N LEU D 18 8.77 -17.03 -11.04
CA LEU D 18 8.33 -18.41 -10.96
C LEU D 18 9.53 -19.31 -11.03
N VAL D 19 10.47 -18.96 -11.88
CA VAL D 19 11.64 -19.78 -12.02
C VAL D 19 12.47 -19.74 -10.73
N ALA D 20 12.55 -18.55 -10.14
CA ALA D 20 13.28 -18.34 -8.90
C ALA D 20 12.64 -19.12 -7.76
N ASN D 21 11.37 -19.46 -7.91
CA ASN D 21 10.69 -20.21 -6.87
C ASN D 21 10.55 -21.68 -7.13
N LEU D 22 11.30 -22.20 -8.07
CA LEU D 22 11.19 -23.62 -8.30
C LEU D 22 12.53 -24.16 -7.88
N PRO D 23 12.53 -25.32 -7.22
CA PRO D 23 13.81 -25.88 -6.79
C PRO D 23 14.70 -26.23 -7.98
N LYS D 24 15.89 -25.63 -8.00
CA LYS D 24 16.91 -25.81 -9.03
C LYS D 24 17.16 -27.26 -9.41
N ASP D 25 16.47 -28.21 -8.77
CA ASP D 25 16.70 -29.62 -9.11
C ASP D 25 15.42 -30.38 -9.39
N TYR D 26 14.30 -29.66 -9.41
CA TYR D 26 13.00 -30.26 -9.66
C TYR D 26 12.85 -30.37 -11.17
N MET D 27 13.14 -31.54 -11.71
CA MET D 27 13.08 -31.70 -13.16
C MET D 27 11.72 -31.70 -13.86
N ILE D 28 11.53 -30.69 -14.70
CA ILE D 28 10.33 -30.55 -15.50
C ILE D 28 10.37 -31.46 -16.77
N THR D 29 9.31 -32.24 -17.05
CA THR D 29 9.31 -33.07 -18.27
C THR D 29 8.71 -32.38 -19.48
N LEU D 30 9.46 -32.37 -20.59
CA LEU D 30 9.00 -31.72 -21.81
C LEU D 30 9.34 -32.57 -23.01
N LYS D 31 8.40 -32.69 -23.94
CA LYS D 31 8.61 -33.45 -25.19
C LYS D 31 9.29 -32.52 -26.20
N TYR D 32 10.59 -32.37 -26.03
CA TYR D 32 11.36 -31.50 -26.88
C TYR D 32 11.33 -31.85 -28.34
N VAL D 33 10.86 -30.90 -29.16
CA VAL D 33 10.85 -31.10 -30.59
C VAL D 33 12.31 -30.92 -31.01
N PRO D 34 12.91 -31.95 -31.61
CA PRO D 34 14.31 -31.91 -32.04
C PRO D 34 14.80 -30.62 -32.69
N GLY D 35 16.08 -30.33 -32.48
CA GLY D 35 16.73 -29.17 -33.06
C GLY D 35 16.01 -27.83 -33.18
N MET D 36 14.94 -27.62 -32.45
CA MET D 36 14.25 -26.34 -32.54
C MET D 36 15.15 -25.18 -32.13
N ASP D 37 16.04 -25.43 -31.17
CA ASP D 37 16.97 -24.44 -30.64
C ASP D 37 17.96 -23.92 -31.67
N VAL D 38 18.09 -24.66 -32.78
CA VAL D 38 19.01 -24.26 -33.84
C VAL D 38 18.21 -23.44 -34.86
N LEU D 39 17.33 -24.13 -35.58
CA LEU D 39 16.47 -23.50 -36.57
C LEU D 39 15.58 -24.55 -37.20
N PRO D 40 14.55 -24.12 -37.94
CA PRO D 40 14.21 -22.72 -38.20
C PRO D 40 13.37 -22.19 -37.05
N SER D 41 12.17 -21.72 -37.37
CA SER D 41 11.24 -21.19 -36.38
C SER D 41 9.83 -21.35 -36.89
N HIS D 42 9.52 -22.54 -37.39
CA HIS D 42 8.19 -22.78 -37.93
C HIS D 42 8.07 -24.25 -38.33
N CYS D 43 9.16 -24.98 -38.13
CA CYS D 43 9.17 -26.40 -38.41
C CYS D 43 8.66 -27.07 -37.14
N TRP D 44 8.74 -26.33 -36.04
CA TRP D 44 8.32 -26.84 -34.73
C TRP D 44 7.32 -26.00 -33.94
N ILE D 45 7.30 -24.69 -34.15
CA ILE D 45 6.40 -23.87 -33.41
C ILE D 45 5.08 -24.52 -33.02
N SER D 46 4.39 -25.16 -33.96
CA SER D 46 3.10 -25.74 -33.60
C SER D 46 3.21 -26.88 -32.58
N GLU D 47 4.15 -27.80 -32.79
CA GLU D 47 4.31 -28.88 -31.84
C GLU D 47 4.65 -28.30 -30.45
N MET D 48 5.86 -27.73 -30.34
CA MET D 48 6.26 -27.13 -29.08
C MET D 48 5.10 -26.37 -28.44
N VAL D 49 4.42 -25.51 -29.20
CA VAL D 49 3.34 -24.75 -28.58
C VAL D 49 2.33 -25.66 -27.92
N VAL D 50 1.99 -26.78 -28.55
CA VAL D 50 1.03 -27.67 -27.91
C VAL D 50 1.71 -28.33 -26.74
N GLN D 51 2.90 -28.87 -26.96
CA GLN D 51 3.65 -29.51 -25.88
C GLN D 51 3.68 -28.60 -24.65
N LEU D 52 4.24 -27.42 -24.82
CA LEU D 52 4.32 -26.50 -23.72
C LEU D 52 3.04 -26.53 -22.91
N SER D 53 1.90 -26.30 -23.56
CA SER D 53 0.68 -26.33 -22.78
C SER D 53 0.60 -27.54 -21.89
N ASP D 54 0.71 -28.74 -22.46
CA ASP D 54 0.64 -29.93 -21.63
C ASP D 54 1.56 -29.78 -20.43
N SER D 55 2.85 -29.59 -20.70
CA SER D 55 3.85 -29.42 -19.63
C SER D 55 3.36 -28.41 -18.60
N LEU D 56 3.31 -27.16 -19.00
CA LEU D 56 2.86 -26.15 -18.09
C LEU D 56 1.58 -26.59 -17.36
N THR D 57 0.63 -27.14 -18.11
CA THR D 57 -0.61 -27.59 -17.51
C THR D 57 -0.47 -28.54 -16.32
N ASP D 58 0.40 -29.54 -16.41
CA ASP D 58 0.63 -30.46 -15.28
C ASP D 58 1.37 -29.72 -14.18
N LEU D 59 2.49 -29.12 -14.56
CA LEU D 59 3.28 -28.37 -13.61
C LEU D 59 2.30 -27.58 -12.72
N LEU D 60 1.26 -27.00 -13.32
CA LEU D 60 0.29 -26.20 -12.57
C LEU D 60 -0.46 -26.99 -11.53
N ASP D 61 -0.60 -28.28 -11.76
CA ASP D 61 -1.34 -29.07 -10.81
C ASP D 61 -0.56 -29.28 -9.53
N LYS D 62 0.75 -29.16 -9.60
CA LYS D 62 1.60 -29.39 -8.43
C LYS D 62 1.60 -28.27 -7.39
N PHE D 63 0.85 -27.21 -7.62
CA PHE D 63 0.87 -26.12 -6.66
C PHE D 63 -0.53 -25.80 -6.21
N SER D 64 -0.64 -25.17 -5.04
CA SER D 64 -1.92 -24.77 -4.47
C SER D 64 -2.04 -23.26 -4.53
N ASN D 65 -3.27 -22.78 -4.49
CA ASN D 65 -3.48 -21.35 -4.61
C ASN D 65 -3.25 -20.58 -3.30
N ILE D 66 -2.56 -19.45 -3.43
CA ILE D 66 -2.26 -18.60 -2.29
C ILE D 66 -3.03 -17.29 -2.44
N SER D 67 -3.74 -16.92 -1.39
CA SER D 67 -4.55 -15.71 -1.37
C SER D 67 -3.67 -14.48 -1.53
N GLU D 68 -3.01 -14.11 -0.43
CA GLU D 68 -2.15 -12.92 -0.41
C GLU D 68 -0.79 -13.13 -1.08
N GLY D 69 -0.63 -12.52 -2.26
CA GLY D 69 0.62 -12.62 -2.99
C GLY D 69 0.55 -13.29 -4.35
N LEU D 70 1.73 -13.58 -4.90
CA LEU D 70 1.83 -14.24 -6.20
C LEU D 70 2.27 -15.67 -6.01
N SER D 71 1.34 -16.60 -6.18
CA SER D 71 1.66 -17.99 -6.02
C SER D 71 2.14 -18.53 -7.34
N ASN D 72 3.06 -19.47 -7.31
CA ASN D 72 3.53 -20.05 -8.55
C ASN D 72 2.32 -20.53 -9.32
N TYR D 73 1.33 -21.00 -8.58
CA TYR D 73 0.09 -21.46 -9.19
C TYR D 73 -0.38 -20.39 -10.15
N SER D 74 -0.81 -19.26 -9.62
CA SER D 74 -1.27 -18.18 -10.47
C SER D 74 -0.29 -17.96 -11.62
N ILE D 75 0.96 -17.61 -11.31
CA ILE D 75 1.96 -17.38 -12.36
C ILE D 75 1.86 -18.43 -13.49
N ILE D 76 1.84 -19.69 -13.11
CA ILE D 76 1.75 -20.76 -14.08
C ILE D 76 0.40 -20.76 -14.75
N ASP D 77 -0.67 -20.81 -13.96
CA ASP D 77 -2.01 -20.81 -14.51
C ASP D 77 -2.08 -19.78 -15.63
N LYS D 78 -1.51 -18.60 -15.42
CA LYS D 78 -1.53 -17.62 -16.49
C LYS D 78 -0.54 -17.93 -17.64
N LEU D 79 0.55 -18.62 -17.39
CA LEU D 79 1.39 -18.95 -18.53
C LEU D 79 0.58 -19.93 -19.37
N VAL D 80 -0.19 -20.76 -18.68
CA VAL D 80 -1.01 -21.73 -19.37
C VAL D 80 -2.05 -21.03 -20.21
N ASN D 81 -2.89 -20.20 -19.61
CA ASN D 81 -3.89 -19.52 -20.43
C ASN D 81 -3.29 -19.10 -21.77
N ILE D 82 -2.08 -18.54 -21.75
CA ILE D 82 -1.42 -18.09 -22.99
C ILE D 82 -1.07 -19.16 -24.02
N VAL D 83 -0.14 -20.04 -23.69
CA VAL D 83 0.21 -21.03 -24.67
C VAL D 83 -1.05 -21.68 -25.21
N ASP D 84 -2.10 -21.77 -24.41
CA ASP D 84 -3.30 -22.40 -24.95
C ASP D 84 -3.83 -21.56 -26.12
N ASP D 85 -4.02 -20.27 -25.88
CA ASP D 85 -4.47 -19.35 -26.92
C ASP D 85 -3.60 -19.36 -28.19
N LEU D 86 -2.35 -19.78 -28.07
CA LEU D 86 -1.51 -19.82 -29.25
C LEU D 86 -1.91 -21.07 -29.96
N VAL D 87 -1.97 -22.17 -29.21
CA VAL D 87 -2.36 -23.46 -29.75
C VAL D 87 -3.79 -23.29 -30.19
N GLU D 88 -4.16 -22.05 -30.44
CA GLU D 88 -5.49 -21.75 -30.91
C GLU D 88 -5.27 -20.93 -32.17
N CYS D 89 -4.95 -19.64 -32.02
CA CYS D 89 -4.70 -18.75 -33.18
C CYS D 89 -3.99 -19.51 -34.30
N VAL D 90 -3.08 -20.40 -33.93
CA VAL D 90 -2.34 -21.15 -34.94
C VAL D 90 -3.20 -22.25 -35.59
N LYS D 91 -3.88 -23.06 -34.79
CA LYS D 91 -4.73 -24.08 -35.38
C LYS D 91 -5.92 -23.40 -36.06
N GLU D 92 -5.82 -22.09 -36.25
CA GLU D 92 -6.90 -21.32 -36.87
C GLU D 92 -6.36 -20.27 -37.85
N ASN D 93 -5.06 -20.00 -37.77
CA ASN D 93 -4.46 -19.01 -38.66
C ASN D 93 -3.59 -19.74 -39.65
N SER D 94 -2.89 -20.75 -39.16
CA SER D 94 -2.04 -21.55 -40.03
C SER D 94 -3.00 -22.48 -40.74
N SER D 95 -3.94 -23.00 -39.97
CA SER D 95 -4.98 -23.89 -40.48
C SER D 95 -4.60 -24.72 -41.71
N LYS D 96 -3.38 -25.24 -41.72
CA LYS D 96 -2.92 -26.08 -42.82
C LYS D 96 -2.35 -27.33 -42.16
N ASP D 97 -3.19 -27.97 -41.34
CA ASP D 97 -2.81 -29.17 -40.59
C ASP D 97 -3.17 -30.50 -41.27
N LEU D 98 -2.82 -30.64 -42.53
CA LEU D 98 -3.06 -31.89 -43.24
C LEU D 98 -1.97 -32.85 -42.77
N LYS D 99 -2.29 -33.57 -41.69
CA LYS D 99 -1.39 -34.53 -41.05
C LYS D 99 -0.38 -35.20 -41.96
N LYS D 100 0.89 -34.96 -41.68
CA LYS D 100 2.00 -35.52 -42.44
C LYS D 100 3.24 -35.41 -41.57
N SER D 101 3.14 -34.63 -40.49
CA SER D 101 4.24 -34.41 -39.57
C SER D 101 3.85 -34.78 -38.14
N PHE D 102 3.95 -36.06 -37.81
CA PHE D 102 3.58 -36.52 -36.47
C PHE D 102 4.70 -37.30 -35.79
N LYS D 103 4.34 -38.42 -35.16
CA LYS D 103 5.29 -39.24 -34.43
C LYS D 103 5.84 -38.43 -33.25
N SER D 104 4.92 -37.95 -32.41
CA SER D 104 5.22 -37.13 -31.24
C SER D 104 6.59 -37.31 -30.61
N PRO D 105 7.33 -36.21 -30.46
CA PRO D 105 8.68 -36.16 -29.89
C PRO D 105 8.81 -37.05 -28.68
N GLU D 106 10.04 -37.31 -28.27
CA GLU D 106 10.26 -38.13 -27.09
C GLU D 106 10.33 -37.18 -25.92
N PRO D 107 9.86 -37.60 -24.74
CA PRO D 107 9.87 -36.78 -23.55
C PRO D 107 11.30 -36.64 -23.02
N ARG D 108 11.63 -35.44 -22.56
CA ARG D 108 12.95 -35.15 -22.03
C ARG D 108 12.81 -34.34 -20.76
N LEU D 109 13.84 -34.41 -19.91
CA LEU D 109 13.84 -33.71 -18.63
C LEU D 109 14.60 -32.40 -18.63
N PHE D 110 14.03 -31.37 -18.02
CA PHE D 110 14.72 -30.08 -17.93
C PHE D 110 14.60 -29.40 -16.57
N THR D 111 15.66 -28.69 -16.18
CA THR D 111 15.65 -27.96 -14.93
C THR D 111 14.72 -26.80 -15.21
N PRO D 112 13.94 -26.39 -14.23
CA PRO D 112 13.03 -25.27 -14.47
C PRO D 112 13.66 -24.13 -15.26
N GLU D 113 14.95 -23.90 -15.12
CA GLU D 113 15.51 -22.81 -15.90
C GLU D 113 15.61 -23.16 -17.36
N GLU D 114 16.16 -24.33 -17.66
CA GLU D 114 16.28 -24.74 -19.06
C GLU D 114 14.86 -24.72 -19.70
N PHE D 115 13.93 -25.41 -19.04
CA PHE D 115 12.57 -25.51 -19.48
C PHE D 115 11.96 -24.17 -19.80
N PHE D 116 12.01 -23.24 -18.88
CA PHE D 116 11.42 -21.94 -19.16
C PHE D 116 12.19 -21.13 -20.21
N ARG D 117 13.45 -21.52 -20.44
CA ARG D 117 14.29 -20.85 -21.43
C ARG D 117 13.59 -21.17 -22.76
N ILE D 118 13.38 -22.46 -22.95
CA ILE D 118 12.66 -22.97 -24.10
C ILE D 118 11.30 -22.27 -24.19
N PHE D 119 10.53 -22.29 -23.11
CA PHE D 119 9.22 -21.66 -23.13
C PHE D 119 9.33 -20.24 -23.65
N ASN D 120 10.40 -19.58 -23.29
CA ASN D 120 10.57 -18.22 -23.72
C ASN D 120 10.85 -18.09 -25.20
N ARG D 121 11.83 -18.86 -25.68
CA ARG D 121 12.17 -18.86 -27.10
C ARG D 121 10.89 -19.14 -27.91
N SER D 122 10.12 -20.13 -27.50
CA SER D 122 8.87 -20.48 -28.15
C SER D 122 7.90 -19.29 -28.21
N ILE D 123 7.86 -18.47 -27.16
CA ILE D 123 6.96 -17.33 -27.23
C ILE D 123 7.51 -16.34 -28.22
N ASP D 124 8.84 -16.24 -28.30
CA ASP D 124 9.45 -15.31 -29.23
C ASP D 124 9.15 -15.69 -30.66
N ALA D 125 9.00 -16.98 -30.91
CA ALA D 125 8.73 -17.49 -32.26
C ALA D 125 7.59 -16.75 -32.95
N PHE D 126 6.66 -16.19 -32.17
CA PHE D 126 5.57 -15.42 -32.74
C PHE D 126 6.11 -14.01 -32.91
N LYS D 127 5.25 -13.01 -32.93
CA LYS D 127 5.73 -11.64 -33.13
C LYS D 127 6.32 -11.51 -34.54
N ASP D 128 6.61 -12.66 -35.14
CA ASP D 128 7.16 -12.75 -36.48
C ASP D 128 6.72 -14.10 -37.03
N PHE D 129 5.42 -14.35 -37.00
CA PHE D 129 4.86 -15.60 -37.47
C PHE D 129 4.08 -15.43 -38.77
N VAL D 130 4.01 -16.50 -39.56
CA VAL D 130 3.32 -16.49 -40.83
C VAL D 130 1.79 -16.59 -40.72
C1 NAG E . -5.74 -0.10 42.45
C2 NAG E . -4.68 -1.13 42.89
C3 NAG E . -5.30 -2.52 42.97
C4 NAG E . -6.52 -2.50 43.91
C5 NAG E . -7.50 -1.39 43.48
C6 NAG E . -8.67 -1.23 44.45
C7 NAG E . -2.41 -0.58 42.28
C8 NAG E . -1.16 -1.32 41.82
N2 NAG E . -3.58 -1.10 41.93
O3 NAG E . -4.35 -3.44 43.48
O4 NAG E . -7.16 -3.77 43.88
O5 NAG E . -6.83 -0.10 43.40
O6 NAG E . -8.91 -2.41 45.20
O7 NAG E . -2.30 0.45 42.95
C1 NAG F . 17.39 4.27 32.60
C2 NAG F . 18.45 3.29 32.10
C3 NAG F . 19.61 4.02 31.37
C4 NAG F . 19.48 5.53 31.55
C5 NAG F . 19.29 5.77 33.04
C6 NAG F . 19.44 7.23 33.46
C7 NAG F . 18.08 1.80 33.93
C8 NAG F . 17.25 2.54 34.97
N2 NAG F . 18.94 2.52 33.22
O3 NAG F . 19.59 3.70 29.99
O4 NAG F . 20.65 6.18 31.08
O5 NAG F . 17.97 5.32 33.43
O6 NAG F . 20.76 7.50 33.97
O7 NAG F . 17.95 0.59 33.79
C1 NAG G . -28.00 35.63 30.41
C2 NAG G . -29.12 36.22 31.29
C3 NAG G . -28.82 35.90 32.76
C4 NAG G . -28.63 34.38 32.97
C5 NAG G . -27.59 33.84 31.97
C6 NAG G . -27.49 32.33 32.03
C7 NAG G . -30.30 38.18 30.55
C8 NAG G . -30.57 39.65 30.84
N2 NAG G . -29.20 37.65 31.09
O3 NAG G . -29.91 36.33 33.58
O4 NAG G . -28.21 34.12 34.30
O5 NAG G . -27.94 34.20 30.62
O6 NAG G . -26.15 31.90 31.84
O7 NAG G . -31.09 37.53 29.85
C1 NAG H . -14.29 -4.96 -37.03
C2 NAG H . -13.71 -5.60 -38.33
C3 NAG H . -14.68 -5.51 -39.51
C4 NAG H . -16.10 -5.83 -39.06
C5 NAG H . -16.57 -4.86 -37.97
C6 NAG H . -17.43 -5.49 -36.89
C7 NAG H . -11.96 -5.12 -39.94
C8 NAG H . -11.97 -3.92 -40.87
N2 NAG H . -12.46 -4.97 -38.71
O3 NAG H . -14.30 -6.42 -40.54
O4 NAG H . -16.98 -5.74 -40.18
O5 NAG H . -15.46 -4.15 -37.32
O6 NAG H . -17.26 -6.90 -36.82
O7 NAG H . -11.52 -6.20 -40.36
C1 NAG I . -20.80 3.52 -31.43
C2 NAG I . -21.47 3.77 -30.05
C3 NAG I . -22.97 3.89 -30.27
C4 NAG I . -23.28 4.99 -31.30
C5 NAG I . -22.53 4.67 -32.60
C6 NAG I . -22.76 5.69 -33.69
C7 NAG I . -20.84 2.82 -27.89
C8 NAG I . -21.45 3.98 -27.11
N2 NAG I . -21.21 2.64 -29.16
O3 NAG I . -23.62 4.19 -29.05
O4 NAG I . -24.67 5.06 -31.54
O5 NAG I . -21.11 4.59 -32.34
O6 NAG I . -24.10 5.64 -34.16
O7 NAG I . -20.05 2.06 -27.32
C1 NAG J . -2.98 53.87 -10.67
C2 NAG J . -3.37 53.42 -12.09
C3 NAG J . -4.04 54.57 -12.86
C4 NAG J . -5.19 55.15 -12.05
C5 NAG J . -4.69 55.55 -10.66
C6 NAG J . -5.79 56.09 -9.78
C7 NAG J . -2.30 52.64 -14.10
C8 NAG J . -1.83 53.67 -15.13
N2 NAG J . -2.19 52.97 -12.82
O3 NAG J . -4.52 54.10 -14.11
O4 NAG J . -5.72 56.28 -12.72
O5 NAG J . -4.12 54.41 -9.99
O6 NAG J . -5.76 55.50 -8.48
O7 NAG J . -2.76 51.56 -14.48
#